data_9J5V
#
_entry.id   9J5V
#
_cell.length_a   1.00
_cell.length_b   1.00
_cell.length_c   1.00
_cell.angle_alpha   90.00
_cell.angle_beta   90.00
_cell.angle_gamma   90.00
#
_symmetry.space_group_name_H-M   'P 1'
#
loop_
_entity.id
_entity.type
_entity.pdbx_description
1 polymer 'Guanine nucleotide-binding protein G(I)/G(S)/G(T) subunit beta-1'
2 polymer 'Guanine nucleotide-binding protein G(I)/G(S)/G(O) subunit gamma-2'
3 polymer 'Guanine nucleotide-binding protein G(i) subunit alpha-1'
4 polymer 'Lysophosphatidic acid receptor 1,Lysophosphatidic acid receptor 1,Lysophosphatidic acid receptor 1,LgBiT'
5 polymer scFv16
6 non-polymer CpY
#
loop_
_entity_poly.entity_id
_entity_poly.type
_entity_poly.pdbx_seq_one_letter_code
_entity_poly.pdbx_strand_id
1 'polypeptide(L)'
;GSQLQSELDQLRQEAEQLKNQIRDARKACADATLSQITNNIDPVGRIQMRTRRTLRGHLAKIYAMHWGTDSRLLVSASQD
GKLIIWDSYTTNKVHAIPLRSSWVMTCAYAPSGNYVACGGLDNICSIYNLKTREGNVRVSRELAGHTGYLSCCRFLDDNQ
IVTSSGDTTCALWDIETGQQTTTFTGHTGDVMSLSLAPDTRLFVSGACDASAKLWDVREGMCRQTFTGHESDINAICFFP
NGNAFATGSDDATCRLFDLRADQELMTYSHDNIICGITSVSFSKSGRLLLAGYDDFNCNVWDALKADRAGVLAGHDNRVS
CLGVTDDGMAVATGSWDSFLKIWNGASGGGSGGNSGSSGGSSGVSGWRLFKKIS
;
B
2 'polypeptide(L)' MASNNTASIAQARKLVEQLKMEANIDRIKVSKAAADLMAYCEAHAKEDPLLTPVPASENPFREKKFFC G
3 'polypeptide(L)'
;MGCTLSAEDKAAVERSKMIDRNLREDGEKAAREVKLLLLGAGESGKSTIVKQMKIIHEAGYSEEECKQYKAVVYSNTIQS
IIAIIRAMGRLKIDFGDSARADDARQLFVLAGAAEEGFMTAELAGVIKRLWKDSGVQACFNRSREYQLNDSAAYYLNDLD
RIAQPNYIPTQQDVLRTRVKTTGIVETHFTFKDLHFKMFDVGGQRSERKKWIHCFEGVTAIIFCVALSDYDLVLAEDEEM
NRMHESMKLFDSICNNKWFTDTSIILFLNKKDLFEEKIKKSPLTICYPEYAGSNTYEEAAAYIQCQFEDLNKRKDTKEIY
THFTCATDTKNVQFVFDAVTDVIIKNNLKDCGLF
;
A
4 'polypeptide(L)'
;DYKDDDDKAMGAAISTSIPVISQPQFTAMNEPQCFYNESIAFFYNRSGKHLATEWNTVSKLVMGLGITVCIFIMLANLLV
MVAIYVNRRFHFPIYYLMANLAAADFFAGLAYFYLMFNTGPNTRRLTVSTWLLRQGLIDTSLTASVANLLAIAIERHITV
FRMQLHTRMSNRRVVVVIVVIWTMAIVMGAIPSVGWNCICDIENCSNMAPLYSDSYLVFWAIFNLVTFVVMVVLYAHIFG
YVRQRTMRMSRHSSGPRRNRDTMMSLLKTVVIVLGAFIICWTPGLVLLLLDVCCPQCDVLAYEKFFLLLAEFNSAMNPII
YSYRDKEMSATFRQILCCQRSENPTGPTEGSDRSASSLNHTILAGVHSNDHSVVGSGGGGSGGSSSGGVFTLEDFVGDWE
QTAAYNLDQVLEQGGVSSLLQNLAVSVTPIQRIVRSGENALKIDIHVIIPYEGLSADQMAQIEEVFKVVYPVDDHHFKVI
LPYGTLVIDGVTPNMLNYFGRPYEGIAVFDGKKITVTGTLWNGNKIIDERLITPDGSMLFRVTINSGGSGGGGSGGSSSG
GLEVLFQ
;
R
5 'polypeptide(L)'
;DVQLVESGGGLVQPGGSRKLSCSASGFAFSSFGMHWVRQAPEKGLEWVAYISSGSGTIYYADTVKGRFTISRDDPKNTLF
LQMTSLRSEDTAMYYCVRSIYYYGSSPFDFWGQGTTLTVSSGGGGSGGGGSGGGGSDIVMTQATSSVPVTPGESVSISCR
SSKSLLHSNGNTYLYWFLQRPGQSPQLLIYRMSNLASGVPDRFSGSGSGTAFTLTISRLEAEDVGVYYCMQHLEYPLTFG
AGTKLELKAAAASSEDLYFQ
;
S
#
# COMPACT_ATOMS: atom_id res chain seq x y z
N GLU A 7 4.20 6.48 -56.98
CA GLU A 7 5.18 5.54 -56.34
C GLU A 7 5.44 5.94 -54.90
N LEU A 8 5.93 4.98 -54.11
CA LEU A 8 6.23 5.25 -52.71
C LEU A 8 7.29 6.34 -52.58
N ASP A 9 8.34 6.27 -53.40
CA ASP A 9 9.40 7.28 -53.34
C ASP A 9 8.87 8.65 -53.72
N GLN A 10 7.98 8.71 -54.72
CA GLN A 10 7.41 10.00 -55.11
C GLN A 10 6.73 10.67 -53.94
N LEU A 11 5.84 9.93 -53.25
CA LEU A 11 5.13 10.51 -52.12
C LEU A 11 6.06 10.84 -50.96
N ARG A 12 7.03 9.96 -50.68
CA ARG A 12 7.96 10.20 -49.57
C ARG A 12 8.76 11.47 -49.82
N GLN A 13 9.38 11.58 -51.00
CA GLN A 13 10.06 12.83 -51.32
C GLN A 13 9.11 14.01 -51.29
N GLU A 14 7.85 13.78 -51.66
CA GLU A 14 6.84 14.82 -51.53
C GLU A 14 6.51 15.07 -50.06
N ALA A 15 6.42 14.00 -49.27
CA ALA A 15 6.09 14.13 -47.85
C ALA A 15 7.15 14.92 -47.11
N GLU A 16 8.43 14.59 -47.32
CA GLU A 16 9.50 15.29 -46.63
C GLU A 16 9.58 16.76 -47.03
N GLN A 17 8.98 17.14 -48.15
CA GLN A 17 8.94 18.55 -48.54
C GLN A 17 7.96 19.32 -47.67
N LEU A 18 6.86 18.69 -47.29
CA LEU A 18 5.93 19.34 -46.37
C LEU A 18 6.58 19.61 -45.03
N LYS A 19 7.34 18.64 -44.51
CA LYS A 19 8.08 18.85 -43.28
C LYS A 19 9.03 20.03 -43.42
N ASN A 20 9.58 20.26 -44.61
CA ASN A 20 10.46 21.40 -44.81
C ASN A 20 9.72 22.71 -44.59
N GLN A 21 8.53 22.84 -45.18
CA GLN A 21 7.73 24.05 -44.96
C GLN A 21 7.37 24.19 -43.49
N ILE A 22 6.95 23.10 -42.85
CA ILE A 22 6.57 23.18 -41.44
C ILE A 22 7.74 23.69 -40.61
N ARG A 23 8.91 23.08 -40.80
CA ARG A 23 10.09 23.45 -40.02
C ARG A 23 10.52 24.88 -40.31
N ASP A 24 10.47 25.29 -41.59
CA ASP A 24 10.87 26.65 -41.94
C ASP A 24 9.95 27.67 -41.31
N ALA A 25 8.64 27.42 -41.35
CA ALA A 25 7.69 28.33 -40.70
C ALA A 25 7.93 28.38 -39.20
N ARG A 26 8.24 27.22 -38.60
CA ARG A 26 8.53 27.22 -37.16
C ARG A 26 9.77 28.04 -36.85
N LYS A 27 10.81 27.93 -37.69
CA LYS A 27 11.99 28.76 -37.49
C LYS A 27 11.67 30.24 -37.62
N ALA A 28 10.89 30.60 -38.64
CA ALA A 28 10.62 32.01 -38.91
C ALA A 28 9.92 32.69 -37.74
N CYS A 29 9.13 31.94 -36.99
CA CYS A 29 8.36 32.50 -35.89
C CYS A 29 9.07 32.39 -34.54
N ALA A 30 10.29 31.86 -34.52
CA ALA A 30 11.07 31.76 -33.28
C ALA A 30 11.79 33.08 -33.03
N ASP A 31 11.00 34.08 -32.67
CA ASP A 31 11.55 35.42 -32.47
C ASP A 31 12.54 35.46 -31.33
N ALA A 32 12.18 34.86 -30.19
CA ALA A 32 13.01 34.92 -29.00
C ALA A 32 12.69 33.74 -28.10
N THR A 33 13.72 33.23 -27.42
CA THR A 33 13.53 32.12 -26.51
C THR A 33 12.83 32.59 -25.25
N LEU A 34 11.94 31.74 -24.72
CA LEU A 34 11.18 32.11 -23.52
C LEU A 34 12.11 32.47 -22.37
N SER A 35 13.27 31.83 -22.28
CA SER A 35 14.22 32.18 -21.24
C SER A 35 14.65 33.64 -21.34
N GLN A 36 14.83 34.14 -22.56
CA GLN A 36 15.18 35.56 -22.74
C GLN A 36 14.02 36.46 -22.33
N ILE A 37 12.80 36.10 -22.71
CA ILE A 37 11.64 36.94 -22.39
C ILE A 37 11.42 37.00 -20.89
N THR A 38 11.66 35.89 -20.19
CA THR A 38 11.48 35.82 -18.74
C THR A 38 12.77 36.08 -17.99
N ASN A 39 13.73 36.79 -18.62
CA ASN A 39 15.02 37.01 -17.98
C ASN A 39 14.90 37.87 -16.74
N ASN A 40 13.99 38.85 -16.73
CA ASN A 40 13.84 39.76 -15.61
C ASN A 40 12.83 39.27 -14.58
N ILE A 41 12.26 38.08 -14.76
CA ILE A 41 11.31 37.55 -13.79
C ILE A 41 12.05 37.02 -12.57
N ASP A 42 11.59 37.40 -11.39
CA ASP A 42 12.21 36.90 -10.17
C ASP A 42 11.95 35.39 -10.06
N PRO A 43 12.99 34.58 -9.86
CA PRO A 43 12.76 33.14 -9.66
C PRO A 43 11.76 32.89 -8.54
N VAL A 44 11.21 31.68 -8.53
CA VAL A 44 10.19 31.34 -7.55
C VAL A 44 10.77 31.12 -6.16
N GLY A 45 12.08 30.93 -6.04
CA GLY A 45 12.70 30.63 -4.77
C GLY A 45 12.52 29.17 -4.38
N ARG A 46 13.19 28.79 -3.30
CA ARG A 46 13.09 27.42 -2.82
C ARG A 46 11.68 27.15 -2.30
N ILE A 47 11.02 26.18 -2.92
CA ILE A 47 9.63 25.83 -2.59
C ILE A 47 9.69 24.62 -1.66
N GLN A 48 9.71 24.88 -0.36
CA GLN A 48 9.77 23.83 0.65
C GLN A 48 8.33 23.43 0.99
N MET A 49 7.93 22.25 0.54
CA MET A 49 6.60 21.73 0.77
C MET A 49 6.70 20.53 1.71
N ARG A 50 5.75 20.41 2.63
CA ARG A 50 5.81 19.41 3.67
C ARG A 50 4.58 18.54 3.65
N THR A 51 4.77 17.28 4.03
CA THR A 51 3.68 16.30 4.08
C THR A 51 2.73 16.68 5.20
N ARG A 52 1.52 17.09 4.85
CA ARG A 52 0.51 17.46 5.83
C ARG A 52 -0.37 16.28 6.21
N ARG A 53 -0.66 15.41 5.25
CA ARG A 53 -1.38 14.18 5.50
C ARG A 53 -0.69 13.05 4.75
N THR A 54 -0.65 11.87 5.37
CA THR A 54 -0.13 10.67 4.75
C THR A 54 -1.25 9.66 4.70
N LEU A 55 -1.66 9.30 3.49
CA LEU A 55 -2.80 8.42 3.27
C LEU A 55 -2.30 6.99 3.15
N ARG A 56 -2.64 6.16 4.14
CA ARG A 56 -2.22 4.78 4.22
C ARG A 56 -3.42 3.87 4.02
N GLY A 57 -3.16 2.71 3.41
CA GLY A 57 -4.21 1.75 3.15
C GLY A 57 -4.02 0.98 1.86
N HIS A 58 -3.24 1.54 0.92
CA HIS A 58 -2.87 0.81 -0.27
C HIS A 58 -1.73 -0.15 0.05
N LEU A 59 -1.84 -1.39 -0.40
CA LEU A 59 -0.89 -2.45 -0.08
C LEU A 59 -0.15 -2.93 -1.32
N ALA A 60 0.17 -2.00 -2.22
CA ALA A 60 0.91 -2.30 -3.43
C ALA A 60 1.32 -1.00 -4.11
N LYS A 61 1.89 -1.09 -5.30
CA LYS A 61 2.29 0.12 -6.01
C LYS A 61 1.07 0.91 -6.46
N ILE A 62 1.22 2.23 -6.50
CA ILE A 62 0.17 3.13 -6.97
C ILE A 62 0.59 3.68 -8.32
N TYR A 63 -0.35 3.68 -9.28
CA TYR A 63 -0.05 4.10 -10.64
C TYR A 63 -0.81 5.34 -11.09
N ALA A 64 -1.93 5.68 -10.45
CA ALA A 64 -2.73 6.80 -10.90
C ALA A 64 -3.56 7.37 -9.74
N MET A 65 -3.67 8.70 -9.72
CA MET A 65 -4.55 9.38 -8.78
C MET A 65 -5.17 10.56 -9.51
N HIS A 66 -6.30 11.02 -8.98
CA HIS A 66 -7.00 12.16 -9.58
C HIS A 66 -7.84 12.86 -8.52
N TRP A 67 -7.60 14.15 -8.35
CA TRP A 67 -8.35 14.97 -7.40
C TRP A 67 -9.81 15.09 -7.84
N GLY A 68 -10.65 15.56 -6.91
CA GLY A 68 -12.01 15.92 -7.22
C GLY A 68 -12.09 17.40 -7.52
N THR A 69 -13.23 17.81 -8.09
CA THR A 69 -13.42 19.23 -8.39
C THR A 69 -13.64 20.06 -7.12
N ASP A 70 -14.01 19.44 -6.02
CA ASP A 70 -14.14 20.13 -4.75
C ASP A 70 -12.82 20.25 -4.00
N SER A 71 -11.75 19.66 -4.52
CA SER A 71 -10.41 19.81 -3.96
C SER A 71 -10.31 19.21 -2.57
N ARG A 72 -11.22 18.30 -2.23
CA ARG A 72 -11.17 17.65 -0.93
C ARG A 72 -11.14 16.14 -1.11
N LEU A 73 -11.93 15.63 -2.03
CA LEU A 73 -11.95 14.22 -2.34
C LEU A 73 -10.95 13.90 -3.44
N LEU A 74 -10.40 12.69 -3.39
CA LEU A 74 -9.52 12.22 -4.45
C LEU A 74 -9.61 10.71 -4.51
N VAL A 75 -9.31 10.17 -5.69
CA VAL A 75 -9.31 8.73 -5.93
C VAL A 75 -7.90 8.29 -6.26
N SER A 76 -7.59 7.04 -5.93
CA SER A 76 -6.30 6.47 -6.27
C SER A 76 -6.49 5.00 -6.56
N ALA A 77 -5.66 4.47 -7.46
CA ALA A 77 -5.67 3.06 -7.81
C ALA A 77 -4.30 2.49 -7.54
N SER A 78 -4.27 1.19 -7.27
CA SER A 78 -3.03 0.50 -6.98
C SER A 78 -3.14 -0.94 -7.50
N GLN A 79 -1.98 -1.59 -7.63
CA GLN A 79 -1.95 -2.96 -8.15
C GLN A 79 -2.63 -3.95 -7.21
N ASP A 80 -2.92 -3.56 -5.98
CA ASP A 80 -3.67 -4.42 -5.07
C ASP A 80 -5.10 -4.64 -5.55
N GLY A 81 -5.56 -3.89 -6.54
CA GLY A 81 -6.91 -4.05 -7.03
C GLY A 81 -7.94 -3.22 -6.32
N LYS A 82 -7.53 -2.14 -5.67
CA LYS A 82 -8.43 -1.29 -4.92
C LYS A 82 -8.38 0.12 -5.49
N LEU A 83 -9.54 0.75 -5.56
CA LEU A 83 -9.70 2.14 -5.96
C LEU A 83 -10.33 2.88 -4.79
N ILE A 84 -9.55 3.72 -4.13
CA ILE A 84 -9.94 4.31 -2.84
C ILE A 84 -10.24 5.79 -3.04
N ILE A 85 -11.40 6.22 -2.58
CA ILE A 85 -11.75 7.64 -2.50
C ILE A 85 -11.36 8.13 -1.11
N TRP A 86 -10.49 9.13 -1.07
CA TRP A 86 -9.96 9.66 0.18
C TRP A 86 -10.68 10.94 0.56
N ASP A 87 -10.72 11.21 1.85
CA ASP A 87 -11.02 12.54 2.37
C ASP A 87 -9.70 13.11 2.84
N SER A 88 -9.11 13.98 2.01
CA SER A 88 -7.79 14.51 2.33
C SER A 88 -7.81 15.34 3.60
N TYR A 89 -8.90 16.07 3.85
CA TYR A 89 -8.96 16.92 5.02
C TYR A 89 -8.81 16.12 6.31
N THR A 90 -9.51 14.99 6.40
CA THR A 90 -9.54 14.22 7.63
C THR A 90 -8.82 12.88 7.52
N THR A 91 -8.35 12.53 6.33
CA THR A 91 -7.60 11.29 6.09
C THR A 91 -8.46 10.05 6.28
N ASN A 92 -9.76 10.19 6.42
CA ASN A 92 -10.65 9.05 6.56
C ASN A 92 -11.15 8.63 5.19
N LYS A 93 -11.31 7.32 5.01
CA LYS A 93 -11.64 6.75 3.71
C LYS A 93 -13.14 6.82 3.49
N VAL A 94 -13.54 7.46 2.39
CA VAL A 94 -14.96 7.54 2.04
C VAL A 94 -15.43 6.25 1.38
N HIS A 95 -14.66 5.73 0.44
CA HIS A 95 -15.05 4.55 -0.32
C HIS A 95 -13.81 3.71 -0.60
N ALA A 96 -14.04 2.42 -0.79
CA ALA A 96 -12.99 1.49 -1.20
C ALA A 96 -13.59 0.59 -2.29
N ILE A 97 -13.28 0.89 -3.55
CA ILE A 97 -13.91 0.24 -4.69
C ILE A 97 -13.01 -0.90 -5.13
N PRO A 98 -13.45 -2.16 -5.06
CA PRO A 98 -12.65 -3.25 -5.62
C PRO A 98 -12.76 -3.27 -7.14
N LEU A 99 -11.63 -3.52 -7.81
CA LEU A 99 -11.56 -3.54 -9.26
C LEU A 99 -11.59 -4.98 -9.77
N ARG A 100 -12.24 -5.15 -10.92
CA ARG A 100 -12.30 -6.48 -11.55
C ARG A 100 -10.94 -6.94 -12.06
N SER A 101 -10.06 -6.01 -12.42
CA SER A 101 -8.72 -6.33 -12.86
C SER A 101 -7.73 -5.57 -12.00
N SER A 102 -6.76 -6.29 -11.42
CA SER A 102 -5.78 -5.67 -10.55
C SER A 102 -4.77 -4.83 -11.33
N TRP A 103 -4.74 -4.94 -12.65
CA TRP A 103 -3.75 -4.25 -13.48
C TRP A 103 -4.40 -2.98 -14.01
N VAL A 104 -4.27 -1.91 -13.23
CA VAL A 104 -4.88 -0.62 -13.51
C VAL A 104 -3.76 0.40 -13.63
N MET A 105 -3.82 1.23 -14.67
CA MET A 105 -2.79 2.22 -14.92
C MET A 105 -3.29 3.66 -14.96
N THR A 106 -4.59 3.88 -14.73
CA THR A 106 -5.13 5.24 -14.78
C THR A 106 -6.34 5.35 -13.87
N CYS A 107 -6.64 6.60 -13.49
CA CYS A 107 -7.78 6.94 -12.67
C CYS A 107 -8.44 8.18 -13.25
N ALA A 108 -9.71 8.37 -12.89
CA ALA A 108 -10.43 9.58 -13.27
C ALA A 108 -11.58 9.80 -12.29
N TYR A 109 -11.77 11.06 -11.90
CA TYR A 109 -12.86 11.50 -11.05
C TYR A 109 -13.74 12.44 -11.86
N ALA A 110 -14.99 12.06 -12.07
CA ALA A 110 -15.87 12.82 -12.93
C ALA A 110 -16.05 14.24 -12.37
N PRO A 111 -16.14 15.26 -13.22
CA PRO A 111 -16.24 16.64 -12.69
C PRO A 111 -17.44 16.85 -11.80
N SER A 112 -18.54 16.11 -12.01
CA SER A 112 -19.71 16.23 -11.16
C SER A 112 -19.56 15.47 -9.86
N GLY A 113 -18.55 14.60 -9.75
CA GLY A 113 -18.36 13.79 -8.58
C GLY A 113 -19.24 12.56 -8.51
N ASN A 114 -20.06 12.32 -9.52
CA ASN A 114 -20.97 11.19 -9.48
C ASN A 114 -20.32 9.91 -9.98
N TYR A 115 -19.20 10.00 -10.69
CA TYR A 115 -18.58 8.85 -11.32
C TYR A 115 -17.06 8.90 -11.18
N VAL A 116 -16.45 7.72 -11.17
CA VAL A 116 -15.01 7.56 -11.28
C VAL A 116 -14.74 6.48 -12.32
N ALA A 117 -13.55 6.52 -12.92
CA ALA A 117 -13.17 5.56 -13.94
C ALA A 117 -11.74 5.08 -13.71
N CYS A 118 -11.43 3.92 -14.29
CA CYS A 118 -10.10 3.34 -14.21
C CYS A 118 -9.91 2.34 -15.35
N GLY A 119 -8.65 2.08 -15.67
CA GLY A 119 -8.33 1.14 -16.74
C GLY A 119 -6.87 0.75 -16.72
N GLY A 120 -6.56 -0.29 -17.47
CA GLY A 120 -5.19 -0.80 -17.54
C GLY A 120 -5.00 -1.89 -18.57
N LEU A 121 -4.28 -2.95 -18.19
CA LEU A 121 -3.90 -3.99 -19.13
C LEU A 121 -5.09 -4.77 -19.68
N ASP A 122 -6.27 -4.62 -19.10
CA ASP A 122 -7.44 -5.35 -19.58
C ASP A 122 -8.07 -4.72 -20.82
N ASN A 123 -7.60 -3.56 -21.25
CA ASN A 123 -8.10 -2.86 -22.44
C ASN A 123 -9.54 -2.41 -22.29
N ILE A 124 -10.00 -2.20 -21.06
CA ILE A 124 -11.37 -1.76 -20.78
C ILE A 124 -11.31 -0.55 -19.87
N CYS A 125 -12.26 0.36 -20.05
CA CYS A 125 -12.43 1.51 -19.17
C CYS A 125 -13.71 1.29 -18.36
N SER A 126 -13.55 0.94 -17.10
CA SER A 126 -14.68 0.70 -16.21
C SER A 126 -15.05 1.99 -15.51
N ILE A 127 -16.35 2.30 -15.52
CA ILE A 127 -16.88 3.54 -14.94
C ILE A 127 -17.79 3.17 -13.78
N TYR A 128 -17.57 3.81 -12.64
CA TYR A 128 -18.24 3.47 -11.39
C TYR A 128 -19.12 4.63 -10.95
N ASN A 129 -20.34 4.31 -10.50
CA ASN A 129 -21.28 5.31 -10.01
C ASN A 129 -21.20 5.40 -8.49
N LEU A 130 -20.97 6.61 -7.98
CA LEU A 130 -20.81 6.82 -6.55
C LEU A 130 -22.11 7.22 -5.86
N LYS A 131 -22.88 8.11 -6.47
CA LYS A 131 -24.11 8.62 -5.86
C LYS A 131 -25.28 7.71 -6.25
N THR A 132 -25.23 6.49 -5.74
CA THR A 132 -26.32 5.55 -5.94
C THR A 132 -27.32 5.68 -4.79
N ARG A 133 -28.33 4.79 -4.78
CA ARG A 133 -29.34 4.76 -3.73
C ARG A 133 -29.28 3.48 -2.93
N GLU A 134 -28.12 2.82 -2.93
CA GLU A 134 -27.93 1.62 -2.13
C GLU A 134 -26.67 1.70 -1.28
N GLY A 135 -26.05 2.87 -1.15
CA GLY A 135 -24.93 3.05 -0.26
C GLY A 135 -23.61 2.53 -0.80
N ASN A 136 -23.68 1.57 -1.71
CA ASN A 136 -22.49 1.00 -2.32
C ASN A 136 -22.12 1.77 -3.58
N VAL A 137 -20.92 1.51 -4.09
CA VAL A 137 -20.44 2.05 -5.34
C VAL A 137 -20.48 0.94 -6.38
N ARG A 138 -21.13 1.19 -7.51
CA ARG A 138 -21.40 0.18 -8.51
C ARG A 138 -20.81 0.59 -9.85
N VAL A 139 -20.41 -0.41 -10.64
CA VAL A 139 -19.87 -0.18 -11.97
C VAL A 139 -21.01 0.10 -12.93
N SER A 140 -20.90 1.20 -13.67
CA SER A 140 -21.97 1.66 -14.56
C SER A 140 -21.84 1.07 -15.96
N ARG A 141 -20.69 1.29 -16.60
CA ARG A 141 -20.47 0.84 -17.96
C ARG A 141 -19.05 0.31 -18.10
N GLU A 142 -18.85 -0.57 -19.07
CA GLU A 142 -17.53 -1.12 -19.41
C GLU A 142 -17.27 -0.83 -20.88
N LEU A 143 -16.30 0.05 -21.15
CA LEU A 143 -15.99 0.49 -22.50
C LEU A 143 -14.89 -0.40 -23.08
N ALA A 144 -15.27 -1.29 -23.99
CA ALA A 144 -14.38 -2.32 -24.53
C ALA A 144 -14.32 -2.18 -26.05
N GLY A 145 -13.37 -1.38 -26.52
CA GLY A 145 -13.15 -1.22 -27.95
C GLY A 145 -11.70 -1.01 -28.33
N HIS A 146 -10.79 -1.14 -27.38
CA HIS A 146 -9.37 -0.93 -27.61
C HIS A 146 -8.64 -2.26 -27.74
N THR A 147 -7.51 -2.24 -28.43
CA THR A 147 -6.68 -3.42 -28.61
C THR A 147 -5.34 -3.32 -27.91
N GLY A 148 -5.06 -2.21 -27.23
CA GLY A 148 -3.88 -2.08 -26.42
C GLY A 148 -4.22 -1.50 -25.06
N TYR A 149 -3.43 -1.89 -24.06
CA TYR A 149 -3.71 -1.48 -22.69
C TYR A 149 -4.03 0.00 -22.61
N LEU A 150 -4.87 0.36 -21.64
CA LEU A 150 -5.28 1.75 -21.45
C LEU A 150 -4.26 2.48 -20.61
N SER A 151 -3.82 3.64 -21.08
CA SER A 151 -2.83 4.44 -20.38
C SER A 151 -3.40 5.64 -19.65
N CYS A 152 -4.54 6.17 -20.09
CA CYS A 152 -5.12 7.34 -19.45
C CYS A 152 -6.58 7.44 -19.85
N CYS A 153 -7.30 8.32 -19.16
CA CYS A 153 -8.72 8.54 -19.39
C CYS A 153 -9.15 9.77 -18.59
N ARG A 154 -10.04 10.56 -19.16
CA ARG A 154 -10.52 11.76 -18.51
C ARG A 154 -11.96 12.03 -18.92
N PHE A 155 -12.83 12.21 -17.95
CA PHE A 155 -14.22 12.56 -18.20
C PHE A 155 -14.30 13.94 -18.85
N LEU A 156 -15.17 14.05 -19.86
CA LEU A 156 -15.59 15.34 -20.36
C LEU A 156 -16.88 15.80 -19.68
N ASP A 157 -17.89 14.93 -19.68
CA ASP A 157 -19.16 15.17 -19.00
C ASP A 157 -19.50 13.90 -18.24
N ASP A 158 -20.75 13.82 -17.76
CA ASP A 158 -21.22 12.58 -17.18
C ASP A 158 -21.45 11.50 -18.22
N ASN A 159 -21.38 11.84 -19.51
CA ASN A 159 -21.68 10.89 -20.59
C ASN A 159 -20.56 10.72 -21.59
N GLN A 160 -19.56 11.60 -21.62
CA GLN A 160 -18.45 11.53 -22.57
C GLN A 160 -17.15 11.30 -21.82
N ILE A 161 -16.39 10.28 -22.26
CA ILE A 161 -15.06 10.00 -21.72
C ILE A 161 -14.14 9.69 -22.89
N VAL A 162 -12.95 10.29 -22.90
CA VAL A 162 -11.95 10.08 -23.94
C VAL A 162 -10.80 9.30 -23.33
N THR A 163 -10.29 8.32 -24.07
CA THR A 163 -9.27 7.41 -23.57
C THR A 163 -8.14 7.26 -24.57
N SER A 164 -6.94 7.05 -24.05
CA SER A 164 -5.76 6.73 -24.85
C SER A 164 -5.33 5.31 -24.56
N SER A 165 -4.77 4.64 -25.56
CA SER A 165 -4.37 3.25 -25.46
C SER A 165 -3.01 3.04 -26.11
N GLY A 166 -2.41 1.89 -25.81
CA GLY A 166 -1.18 1.47 -26.41
C GLY A 166 -1.32 0.83 -27.77
N ASP A 167 -2.52 0.87 -28.36
CA ASP A 167 -2.73 0.42 -29.73
C ASP A 167 -2.54 1.54 -30.74
N THR A 168 -1.92 2.65 -30.33
CA THR A 168 -1.57 3.79 -31.17
C THR A 168 -2.76 4.67 -31.51
N THR A 169 -3.86 4.56 -30.78
CA THR A 169 -5.07 5.32 -31.08
C THR A 169 -5.70 5.83 -29.79
N CYS A 170 -6.31 7.01 -29.90
CA CYS A 170 -7.20 7.54 -28.86
C CYS A 170 -8.64 7.48 -29.35
N ALA A 171 -9.57 7.38 -28.41
CA ALA A 171 -10.98 7.20 -28.72
C ALA A 171 -11.83 8.11 -27.85
N LEU A 172 -13.02 8.44 -28.37
CA LEU A 172 -14.03 9.17 -27.63
C LEU A 172 -15.28 8.31 -27.52
N TRP A 173 -15.85 8.25 -26.32
CA TRP A 173 -16.91 7.29 -26.01
C TRP A 173 -18.20 8.01 -25.64
N ASP A 174 -19.29 7.25 -25.74
CA ASP A 174 -20.60 7.65 -25.22
C ASP A 174 -20.99 6.63 -24.18
N ILE A 175 -20.99 7.04 -22.91
CA ILE A 175 -21.14 6.07 -21.83
C ILE A 175 -22.50 5.40 -21.87
N GLU A 176 -23.55 6.16 -22.21
CA GLU A 176 -24.88 5.58 -22.24
C GLU A 176 -24.98 4.46 -23.26
N THR A 177 -24.45 4.67 -24.46
CA THR A 177 -24.51 3.67 -25.51
C THR A 177 -23.35 2.69 -25.48
N GLY A 178 -22.23 3.07 -24.87
CA GLY A 178 -21.07 2.20 -24.82
C GLY A 178 -20.43 1.94 -26.16
N GLN A 179 -20.41 2.95 -27.03
CA GLN A 179 -19.79 2.83 -28.34
C GLN A 179 -18.92 4.05 -28.60
N GLN A 180 -17.88 3.87 -29.41
CA GLN A 180 -16.94 4.95 -29.70
C GLN A 180 -17.57 5.90 -30.69
N THR A 181 -17.91 7.10 -30.24
CA THR A 181 -18.42 8.11 -31.16
C THR A 181 -17.36 8.51 -32.16
N THR A 182 -16.10 8.59 -31.72
CA THR A 182 -14.98 8.94 -32.59
C THR A 182 -13.76 8.13 -32.19
N THR A 183 -12.91 7.84 -33.17
CA THR A 183 -11.63 7.18 -32.94
C THR A 183 -10.53 8.04 -33.55
N PHE A 184 -9.53 8.34 -32.74
CA PHE A 184 -8.42 9.19 -33.15
C PHE A 184 -7.21 8.32 -33.49
N THR A 185 -6.75 8.39 -34.73
CA THR A 185 -5.64 7.57 -35.21
C THR A 185 -4.59 8.45 -35.86
N GLY A 186 -3.36 7.94 -35.90
CA GLY A 186 -2.27 8.64 -36.54
C GLY A 186 -0.95 8.46 -35.82
N HIS A 187 -1.01 8.10 -34.54
CA HIS A 187 0.19 7.87 -33.75
C HIS A 187 0.89 6.60 -34.22
N THR A 188 2.22 6.65 -34.29
CA THR A 188 3.02 5.50 -34.68
C THR A 188 3.51 4.70 -33.48
N GLY A 189 3.32 5.21 -32.26
CA GLY A 189 3.73 4.50 -31.07
C GLY A 189 2.65 4.55 -30.01
N ASP A 190 2.87 3.78 -28.94
CA ASP A 190 1.90 3.68 -27.87
C ASP A 190 1.64 5.05 -27.23
N VAL A 191 0.37 5.38 -27.07
CA VAL A 191 -0.02 6.65 -26.46
C VAL A 191 0.01 6.49 -24.95
N MET A 192 0.75 7.37 -24.28
CA MET A 192 1.03 7.23 -22.85
C MET A 192 0.07 8.02 -21.97
N SER A 193 -0.25 9.25 -22.32
CA SER A 193 -1.16 10.04 -21.51
C SER A 193 -1.89 11.04 -22.38
N LEU A 194 -3.05 11.48 -21.89
CA LEU A 194 -3.83 12.52 -22.53
C LEU A 194 -4.28 13.51 -21.47
N SER A 195 -4.35 14.78 -21.86
CA SER A 195 -4.83 15.83 -20.98
C SER A 195 -5.91 16.62 -21.70
N LEU A 196 -7.01 16.90 -20.99
CA LEU A 196 -8.13 17.60 -21.57
C LEU A 196 -7.95 19.10 -21.43
N ALA A 197 -8.33 19.83 -22.46
CA ALA A 197 -8.25 21.28 -22.41
C ALA A 197 -9.22 21.80 -21.35
N PRO A 198 -8.94 22.98 -20.79
CA PRO A 198 -9.88 23.55 -19.82
C PRO A 198 -11.30 23.68 -20.34
N ASP A 199 -11.46 24.04 -21.61
CA ASP A 199 -12.78 24.19 -22.21
C ASP A 199 -13.35 22.88 -22.73
N THR A 200 -12.62 21.77 -22.62
CA THR A 200 -13.09 20.45 -23.05
C THR A 200 -13.41 20.41 -24.54
N ARG A 201 -12.70 21.21 -25.33
CA ARG A 201 -12.87 21.21 -26.77
C ARG A 201 -11.74 20.51 -27.52
N LEU A 202 -10.57 20.40 -26.91
CA LEU A 202 -9.41 19.74 -27.49
C LEU A 202 -8.76 18.85 -26.44
N PHE A 203 -7.81 18.04 -26.89
CA PHE A 203 -6.98 17.28 -25.96
C PHE A 203 -5.71 16.86 -26.69
N VAL A 204 -4.61 16.84 -25.95
CA VAL A 204 -3.31 16.44 -26.48
C VAL A 204 -2.98 15.05 -25.97
N SER A 205 -2.19 14.30 -26.73
CA SER A 205 -1.76 12.97 -26.34
C SER A 205 -0.30 12.78 -26.68
N GLY A 206 0.42 12.14 -25.77
CA GLY A 206 1.82 11.82 -25.96
C GLY A 206 1.99 10.34 -26.21
N ALA A 207 2.88 9.97 -27.14
CA ALA A 207 3.03 8.58 -27.54
C ALA A 207 4.48 8.13 -27.43
N CYS A 208 4.67 6.80 -27.50
CA CYS A 208 6.01 6.22 -27.47
C CYS A 208 6.83 6.58 -28.69
N ASP A 209 6.21 7.11 -29.74
CA ASP A 209 6.94 7.57 -30.92
C ASP A 209 7.60 8.92 -30.69
N ALA A 210 7.63 9.42 -29.45
CA ALA A 210 8.31 10.65 -29.10
C ALA A 210 7.66 11.87 -29.76
N SER A 211 6.35 11.79 -29.97
CA SER A 211 5.60 12.86 -30.63
C SER A 211 4.31 13.11 -29.88
N ALA A 212 3.93 14.38 -29.81
CA ALA A 212 2.70 14.81 -29.16
C ALA A 212 1.78 15.44 -30.20
N LYS A 213 0.51 15.04 -30.17
CA LYS A 213 -0.48 15.49 -31.14
C LYS A 213 -1.62 16.19 -30.43
N LEU A 214 -2.04 17.34 -30.98
CA LEU A 214 -3.23 18.03 -30.52
C LEU A 214 -4.42 17.55 -31.35
N TRP A 215 -5.50 17.14 -30.69
CA TRP A 215 -6.65 16.57 -31.34
C TRP A 215 -7.87 17.46 -31.18
N ASP A 216 -8.86 17.25 -32.05
CA ASP A 216 -10.15 17.92 -31.98
C ASP A 216 -11.20 16.91 -31.59
N VAL A 217 -11.88 17.15 -30.46
CA VAL A 217 -12.82 16.18 -29.93
C VAL A 217 -13.99 16.00 -30.87
N ARG A 218 -14.50 17.10 -31.43
CA ARG A 218 -15.69 17.03 -32.29
C ARG A 218 -15.36 16.42 -33.65
N GLU A 219 -14.48 17.08 -34.40
CA GLU A 219 -14.19 16.62 -35.76
C GLU A 219 -13.54 15.24 -35.76
N GLY A 220 -12.58 15.03 -34.87
CA GLY A 220 -11.88 13.75 -34.81
C GLY A 220 -10.57 13.71 -35.57
N MET A 221 -10.06 14.86 -36.00
CA MET A 221 -8.80 14.94 -36.74
C MET A 221 -7.75 15.64 -35.91
N CYS A 222 -6.50 15.24 -36.12
CA CYS A 222 -5.37 15.88 -35.44
C CYS A 222 -5.13 17.26 -36.05
N ARG A 223 -5.00 18.26 -35.19
CA ARG A 223 -4.72 19.61 -35.67
C ARG A 223 -3.22 19.83 -35.85
N GLN A 224 -2.44 19.49 -34.83
CA GLN A 224 -1.01 19.73 -34.84
C GLN A 224 -0.28 18.53 -34.28
N THR A 225 0.99 18.39 -34.66
CA THR A 225 1.89 17.39 -34.09
C THR A 225 3.20 18.07 -33.76
N PHE A 226 3.67 17.88 -32.54
CA PHE A 226 4.89 18.52 -32.03
C PHE A 226 5.98 17.47 -31.87
N THR A 227 7.12 17.73 -32.50
CA THR A 227 8.27 16.82 -32.43
C THR A 227 9.23 17.32 -31.36
N GLY A 228 9.84 16.39 -30.65
CA GLY A 228 10.73 16.74 -29.57
C GLY A 228 11.73 15.65 -29.30
N HIS A 229 12.01 15.44 -28.02
CA HIS A 229 13.08 14.54 -27.61
C HIS A 229 12.72 13.10 -27.97
N GLU A 230 13.73 12.29 -28.28
CA GLU A 230 13.53 10.97 -28.89
C GLU A 230 13.48 9.91 -27.80
N SER A 231 12.28 9.73 -27.23
CA SER A 231 11.99 8.59 -26.37
C SER A 231 10.52 8.64 -25.99
N ASP A 232 10.05 7.61 -25.29
CA ASP A 232 8.64 7.53 -24.96
C ASP A 232 8.22 8.71 -24.10
N ILE A 233 7.26 9.49 -24.58
CA ILE A 233 6.65 10.54 -23.77
C ILE A 233 5.75 9.86 -22.75
N ASN A 234 6.08 10.02 -21.46
CA ASN A 234 5.38 9.29 -20.41
C ASN A 234 4.28 10.09 -19.75
N ALA A 235 4.34 11.42 -19.79
CA ALA A 235 3.36 12.24 -19.11
C ALA A 235 3.10 13.49 -19.95
N ILE A 236 1.89 14.03 -19.83
CA ILE A 236 1.48 15.20 -20.57
C ILE A 236 0.37 15.88 -19.78
N CYS A 237 0.39 17.20 -19.75
CA CYS A 237 -0.61 17.96 -19.02
C CYS A 237 -0.77 19.31 -19.68
N PHE A 238 -1.99 19.84 -19.64
CA PHE A 238 -2.26 21.15 -20.22
C PHE A 238 -1.89 22.27 -19.24
N PHE A 239 -1.38 23.35 -19.81
CA PHE A 239 -1.32 24.60 -19.06
C PHE A 239 -2.74 25.04 -18.72
N PRO A 240 -2.95 25.69 -17.58
CA PRO A 240 -4.33 25.94 -17.16
C PRO A 240 -5.13 26.79 -18.14
N ASN A 241 -4.48 27.58 -18.98
CA ASN A 241 -5.19 28.38 -19.96
C ASN A 241 -5.57 27.59 -21.20
N GLY A 242 -5.08 26.36 -21.35
CA GLY A 242 -5.38 25.56 -22.52
C GLY A 242 -4.61 25.92 -23.76
N ASN A 243 -3.63 26.83 -23.66
CA ASN A 243 -2.86 27.29 -24.79
C ASN A 243 -1.44 26.72 -24.81
N ALA A 244 -1.19 25.68 -24.03
CA ALA A 244 0.14 25.10 -23.94
C ALA A 244 0.03 23.75 -23.24
N PHE A 245 1.15 23.05 -23.17
CA PHE A 245 1.20 21.78 -22.44
C PHE A 245 2.65 21.39 -22.24
N ALA A 246 2.88 20.56 -21.24
CA ALA A 246 4.22 20.08 -20.90
C ALA A 246 4.25 18.56 -20.99
N THR A 247 5.36 18.04 -21.50
CA THR A 247 5.53 16.61 -21.72
C THR A 247 6.73 16.11 -20.93
N GLY A 248 6.61 14.91 -20.39
CA GLY A 248 7.71 14.26 -19.68
C GLY A 248 7.98 12.88 -20.23
N SER A 249 9.21 12.63 -20.68
CA SER A 249 9.56 11.40 -21.37
C SER A 249 10.71 10.69 -20.64
N ASP A 250 11.09 9.53 -21.18
CA ASP A 250 12.19 8.74 -20.63
C ASP A 250 13.55 9.39 -20.82
N ASP A 251 13.65 10.41 -21.66
CA ASP A 251 14.91 11.14 -21.83
C ASP A 251 15.25 11.98 -20.60
N ALA A 252 14.52 11.87 -19.50
CA ALA A 252 14.80 12.65 -18.30
C ALA A 252 14.62 14.15 -18.54
N THR A 253 13.76 14.49 -19.50
CA THR A 253 13.49 15.88 -19.85
C THR A 253 12.00 16.15 -19.81
N CYS A 254 11.65 17.36 -19.38
CA CYS A 254 10.32 17.90 -19.53
C CYS A 254 10.41 19.13 -20.43
N ARG A 255 9.51 19.24 -21.39
CA ARG A 255 9.53 20.35 -22.32
C ARG A 255 8.14 20.95 -22.47
N LEU A 256 8.11 22.25 -22.73
CA LEU A 256 6.89 23.04 -22.81
C LEU A 256 6.64 23.41 -24.26
N PHE A 257 5.59 22.84 -24.85
CA PHE A 257 5.15 23.19 -26.19
C PHE A 257 4.04 24.24 -26.12
N ASP A 258 3.77 24.87 -27.25
CA ASP A 258 2.67 25.81 -27.40
C ASP A 258 1.87 25.46 -28.64
N LEU A 259 0.54 25.61 -28.55
CA LEU A 259 -0.32 25.25 -29.67
C LEU A 259 -0.40 26.37 -30.70
N ARG A 260 -0.49 27.62 -30.26
CA ARG A 260 -0.57 28.74 -31.19
C ARG A 260 0.74 28.91 -31.94
N ALA A 261 1.87 28.90 -31.23
CA ALA A 261 3.18 28.97 -31.86
C ALA A 261 3.60 27.65 -32.49
N ASP A 262 3.05 26.52 -32.03
CA ASP A 262 3.36 25.21 -32.61
C ASP A 262 4.85 24.90 -32.56
N GLN A 263 5.50 25.35 -31.48
CA GLN A 263 6.92 25.09 -31.28
C GLN A 263 7.19 24.64 -29.85
N GLU A 264 8.46 24.45 -29.52
CA GLU A 264 8.88 24.09 -28.17
C GLU A 264 9.58 25.27 -27.53
N LEU A 265 9.20 25.59 -26.29
CA LEU A 265 9.70 26.78 -25.61
C LEU A 265 10.82 26.45 -24.64
N MET A 266 10.57 25.55 -23.68
CA MET A 266 11.52 25.23 -22.63
C MET A 266 11.80 23.74 -22.60
N THR A 267 12.96 23.39 -22.08
CA THR A 267 13.31 22.02 -21.74
C THR A 267 13.83 22.01 -20.31
N TYR A 268 13.13 21.27 -19.45
CA TYR A 268 13.47 21.19 -18.03
C TYR A 268 14.31 19.93 -17.84
N SER A 269 15.62 20.11 -17.92
CA SER A 269 16.58 19.02 -17.75
C SER A 269 17.71 19.47 -16.83
N HIS A 270 18.19 18.55 -16.01
CA HIS A 270 19.34 18.76 -15.16
C HIS A 270 20.27 17.56 -15.29
N ASP A 271 21.57 17.84 -15.44
CA ASP A 271 22.52 16.78 -15.75
C ASP A 271 22.52 15.68 -14.71
N ASN A 272 22.24 16.02 -13.45
CA ASN A 272 22.22 15.01 -12.40
C ASN A 272 21.11 14.00 -12.63
N ILE A 273 19.96 14.43 -13.16
CA ILE A 273 18.81 13.57 -13.37
C ILE A 273 19.04 12.77 -14.64
N ILE A 274 18.95 11.44 -14.54
CA ILE A 274 19.19 10.56 -15.68
C ILE A 274 18.04 9.58 -15.83
N CYS A 275 17.12 9.58 -14.87
CA CYS A 275 15.96 8.70 -14.92
C CYS A 275 14.81 9.37 -15.66
N GLY A 276 13.76 8.60 -15.91
CA GLY A 276 12.62 9.07 -16.67
C GLY A 276 11.52 9.66 -15.82
N ILE A 277 10.77 10.60 -16.41
CA ILE A 277 9.66 11.24 -15.73
C ILE A 277 8.42 10.37 -15.86
N THR A 278 7.76 10.11 -14.74
CA THR A 278 6.57 9.26 -14.72
C THR A 278 5.26 10.03 -14.75
N SER A 279 5.23 11.25 -14.22
CA SER A 279 4.00 12.03 -14.19
C SER A 279 4.37 13.50 -14.08
N VAL A 280 3.55 14.35 -14.72
CA VAL A 280 3.70 15.79 -14.64
C VAL A 280 2.35 16.40 -14.28
N SER A 281 2.40 17.60 -13.71
CA SER A 281 1.19 18.35 -13.40
C SER A 281 1.62 19.75 -13.02
N PHE A 282 0.74 20.71 -13.30
CA PHE A 282 1.02 22.12 -13.14
C PHE A 282 0.46 22.63 -11.82
N SER A 283 0.63 23.92 -11.58
CA SER A 283 0.02 24.62 -10.46
C SER A 283 -1.16 25.43 -10.97
N LYS A 284 -1.98 25.91 -10.02
CA LYS A 284 -3.18 26.65 -10.40
C LYS A 284 -2.84 27.85 -11.26
N SER A 285 -1.72 28.51 -11.00
CA SER A 285 -1.27 29.61 -11.83
C SER A 285 -0.42 29.16 -13.00
N GLY A 286 -0.02 27.89 -13.04
CA GLY A 286 0.90 27.45 -14.06
C GLY A 286 2.31 27.94 -13.87
N ARG A 287 2.64 28.47 -12.69
CA ARG A 287 3.98 28.98 -12.43
C ARG A 287 4.91 27.91 -11.87
N LEU A 288 4.37 26.78 -11.42
CA LEU A 288 5.17 25.65 -10.99
C LEU A 288 4.78 24.42 -11.78
N LEU A 289 5.77 23.76 -12.36
CA LEU A 289 5.58 22.50 -13.08
C LEU A 289 6.15 21.40 -12.20
N LEU A 290 5.26 20.62 -11.57
CA LEU A 290 5.67 19.54 -10.70
C LEU A 290 5.75 18.25 -11.52
N ALA A 291 6.83 17.50 -11.34
CA ALA A 291 7.08 16.29 -12.09
C ALA A 291 7.50 15.17 -11.15
N GLY A 292 7.00 13.97 -11.39
CA GLY A 292 7.36 12.82 -10.59
C GLY A 292 8.31 11.88 -11.31
N TYR A 293 9.60 11.93 -10.96
CA TYR A 293 10.62 11.19 -11.66
C TYR A 293 10.73 9.78 -11.11
N ASP A 294 11.72 9.05 -11.60
CA ASP A 294 12.00 7.69 -11.14
C ASP A 294 13.05 7.64 -10.03
N ASP A 295 13.64 8.78 -9.68
CA ASP A 295 14.70 8.87 -8.68
C ASP A 295 14.18 8.72 -7.29
N PHE A 296 12.92 8.33 -7.09
CA PHE A 296 12.25 8.19 -5.81
C PHE A 296 11.80 9.54 -5.28
N ASN A 297 11.97 10.62 -6.04
CA ASN A 297 11.62 11.96 -5.59
C ASN A 297 10.82 12.67 -6.68
N CYS A 298 10.10 13.70 -6.28
CA CYS A 298 9.31 14.51 -7.20
C CYS A 298 9.88 15.91 -7.20
N ASN A 299 10.22 16.42 -8.37
CA ASN A 299 10.81 17.74 -8.50
C ASN A 299 9.74 18.76 -8.84
N VAL A 300 9.97 19.99 -8.42
CA VAL A 300 9.11 21.13 -8.72
C VAL A 300 9.92 22.08 -9.59
N TRP A 301 9.41 22.36 -10.78
CA TRP A 301 10.12 23.17 -11.76
C TRP A 301 9.44 24.52 -11.92
N ASP A 302 10.25 25.57 -12.06
CA ASP A 302 9.73 26.88 -12.44
C ASP A 302 9.49 26.90 -13.93
N ALA A 303 8.22 26.76 -14.33
CA ALA A 303 7.90 26.58 -15.74
C ALA A 303 8.32 27.76 -16.59
N LEU A 304 8.54 28.93 -16.00
CA LEU A 304 8.93 30.11 -16.75
C LEU A 304 10.41 30.45 -16.67
N LYS A 305 11.17 29.77 -15.81
CA LYS A 305 12.60 30.00 -15.69
C LYS A 305 13.45 28.75 -15.88
N ALA A 306 12.85 27.57 -15.87
CA ALA A 306 13.59 26.32 -16.07
C ALA A 306 14.71 26.18 -15.04
N ASP A 307 14.36 26.38 -13.78
CA ASP A 307 15.24 26.11 -12.65
C ASP A 307 14.51 25.19 -11.69
N ARG A 308 15.14 24.09 -11.33
CA ARG A 308 14.55 23.15 -10.38
C ARG A 308 14.53 23.81 -9.01
N ALA A 309 13.37 24.34 -8.63
CA ALA A 309 13.17 24.99 -7.34
C ALA A 309 12.09 24.20 -6.60
N GLY A 310 12.53 23.20 -5.84
CA GLY A 310 11.63 22.40 -5.02
C GLY A 310 11.78 20.92 -5.29
N VAL A 311 11.65 20.13 -4.22
CA VAL A 311 11.71 18.68 -4.31
C VAL A 311 10.74 18.10 -3.28
N LEU A 312 10.14 16.96 -3.62
CA LEU A 312 9.22 16.27 -2.72
C LEU A 312 9.78 14.88 -2.48
N ALA A 313 10.69 14.78 -1.51
CA ALA A 313 11.41 13.54 -1.23
C ALA A 313 10.86 12.93 0.05
N GLY A 314 9.89 12.04 -0.10
CA GLY A 314 9.36 11.32 1.05
C GLY A 314 8.98 9.90 0.69
N HIS A 315 9.30 9.49 -0.53
CA HIS A 315 8.86 8.20 -1.05
C HIS A 315 10.04 7.25 -1.16
N ASP A 316 9.85 6.02 -0.69
CA ASP A 316 10.90 5.02 -0.76
C ASP A 316 11.10 4.53 -2.18
N ASN A 317 10.12 4.76 -3.05
CA ASN A 317 10.14 4.25 -4.40
C ASN A 317 9.76 5.36 -5.37
N ARG A 318 9.60 5.02 -6.65
CA ARG A 318 9.39 6.04 -7.67
C ARG A 318 7.99 6.64 -7.56
N VAL A 319 7.89 7.93 -7.87
CA VAL A 319 6.63 8.67 -7.78
C VAL A 319 5.85 8.41 -9.07
N SER A 320 4.84 7.54 -9.00
CA SER A 320 4.08 7.21 -10.21
C SER A 320 3.20 8.38 -10.64
N CYS A 321 2.45 8.95 -9.71
CA CYS A 321 1.42 9.92 -10.04
C CYS A 321 1.58 11.16 -9.17
N LEU A 322 0.94 12.22 -9.60
CA LEU A 322 1.18 13.54 -9.03
C LEU A 322 0.08 14.46 -9.53
N GLY A 323 -0.62 15.12 -8.62
CA GLY A 323 -1.74 15.94 -8.99
C GLY A 323 -1.84 17.16 -8.09
N VAL A 324 -2.52 18.18 -8.62
CA VAL A 324 -2.78 19.40 -7.89
C VAL A 324 -4.29 19.58 -7.81
N THR A 325 -4.73 20.42 -6.87
CA THR A 325 -6.14 20.66 -6.67
C THR A 325 -6.64 21.73 -7.64
N ASP A 326 -7.96 21.90 -7.65
CA ASP A 326 -8.55 22.95 -8.48
C ASP A 326 -8.30 24.33 -7.88
N ASP A 327 -8.25 24.42 -6.55
CA ASP A 327 -7.84 25.66 -5.91
C ASP A 327 -6.36 25.70 -5.60
N GLY A 328 -5.60 24.68 -5.98
CA GLY A 328 -4.16 24.73 -5.84
C GLY A 328 -3.68 24.81 -4.41
N MET A 329 -4.48 24.37 -3.46
CA MET A 329 -4.11 24.42 -2.06
C MET A 329 -3.27 23.22 -1.61
N ALA A 330 -3.15 22.20 -2.45
CA ALA A 330 -2.44 20.99 -2.04
C ALA A 330 -1.90 20.27 -3.26
N VAL A 331 -0.94 19.39 -3.02
CA VAL A 331 -0.40 18.49 -4.03
C VAL A 331 -0.35 17.11 -3.41
N ALA A 332 -0.89 16.12 -4.10
CA ALA A 332 -0.85 14.74 -3.67
C ALA A 332 0.00 13.93 -4.63
N THR A 333 0.77 12.99 -4.11
CA THR A 333 1.64 12.16 -4.91
C THR A 333 1.55 10.71 -4.47
N GLY A 334 1.28 9.82 -5.43
CA GLY A 334 1.36 8.40 -5.23
C GLY A 334 2.76 7.91 -5.55
N SER A 335 3.02 6.67 -5.16
CA SER A 335 4.34 6.11 -5.35
C SER A 335 4.24 4.59 -5.33
N TRP A 336 5.29 3.95 -5.84
CA TRP A 336 5.41 2.51 -5.75
C TRP A 336 5.59 2.05 -4.30
N ASP A 337 5.85 2.99 -3.37
CA ASP A 337 6.01 2.62 -1.96
C ASP A 337 4.66 2.48 -1.26
N SER A 338 3.55 2.60 -2.00
CA SER A 338 2.20 2.32 -1.51
C SER A 338 1.61 3.43 -0.64
N PHE A 339 2.21 4.61 -0.65
CA PHE A 339 1.73 5.72 0.17
C PHE A 339 1.42 6.92 -0.70
N LEU A 340 0.29 7.58 -0.40
CA LEU A 340 -0.04 8.88 -0.97
C LEU A 340 0.18 9.93 0.11
N LYS A 341 0.86 11.00 -0.26
CA LYS A 341 1.17 12.09 0.66
C LYS A 341 0.57 13.38 0.13
N ILE A 342 -0.18 14.07 0.99
CA ILE A 342 -0.70 15.40 0.68
C ILE A 342 0.35 16.40 1.13
N TRP A 343 0.82 17.23 0.21
CA TRP A 343 1.86 18.20 0.48
C TRP A 343 1.27 19.60 0.37
N ASN A 344 1.76 20.51 1.21
CA ASN A 344 1.39 21.91 1.07
C ASN A 344 2.37 22.79 1.82
N SER B 8 0.31 -0.10 -48.87
CA SER B 8 0.68 1.06 -48.01
C SER B 8 0.65 2.37 -48.81
N ILE B 9 0.13 2.31 -50.03
CA ILE B 9 0.04 3.51 -50.86
C ILE B 9 -0.97 4.48 -50.26
N ALA B 10 -2.15 3.98 -49.88
CA ALA B 10 -3.15 4.83 -49.27
C ALA B 10 -2.63 5.45 -47.98
N GLN B 11 -1.79 4.71 -47.24
CA GLN B 11 -1.19 5.27 -46.04
C GLN B 11 -0.31 6.47 -46.39
N ALA B 12 0.48 6.36 -47.45
CA ALA B 12 1.31 7.49 -47.88
C ALA B 12 0.44 8.68 -48.30
N ARG B 13 -0.62 8.42 -49.05
CA ARG B 13 -1.51 9.51 -49.46
C ARG B 13 -2.13 10.21 -48.25
N LYS B 14 -2.61 9.42 -47.29
CA LYS B 14 -3.19 10.00 -46.08
C LYS B 14 -2.14 10.76 -45.27
N LEU B 15 -0.91 10.26 -45.23
CA LEU B 15 0.15 10.96 -44.51
C LEU B 15 0.45 12.31 -45.14
N VAL B 16 0.55 12.35 -46.48
CA VAL B 16 0.84 13.63 -47.13
C VAL B 16 -0.32 14.59 -46.92
N GLU B 17 -1.57 14.11 -46.99
CA GLU B 17 -2.69 14.98 -46.70
C GLU B 17 -2.69 15.47 -45.25
N GLN B 18 -2.32 14.60 -44.31
CA GLN B 18 -2.23 14.98 -42.91
C GLN B 18 -1.22 16.11 -42.72
N LEU B 19 -0.02 15.96 -43.28
CA LEU B 19 0.98 17.02 -43.17
C LEU B 19 0.54 18.28 -43.89
N LYS B 20 -0.18 18.15 -45.00
CA LYS B 20 -0.69 19.33 -45.69
C LYS B 20 -1.66 20.10 -44.81
N MET B 21 -2.57 19.38 -44.14
CA MET B 21 -3.48 20.05 -43.22
C MET B 21 -2.71 20.66 -42.05
N GLU B 22 -1.70 19.97 -41.55
CA GLU B 22 -0.93 20.49 -40.42
C GLU B 22 -0.23 21.80 -40.81
N ALA B 23 0.33 21.87 -42.01
CA ALA B 23 1.03 23.07 -42.43
C ALA B 23 0.10 24.25 -42.65
N ASN B 24 -1.18 23.99 -42.94
CA ASN B 24 -2.13 25.05 -43.26
C ASN B 24 -2.83 25.55 -41.99
N ILE B 25 -2.02 26.12 -41.09
CA ILE B 25 -2.51 26.73 -39.87
C ILE B 25 -1.75 28.00 -39.60
N ASP B 26 -2.41 28.96 -38.95
CA ASP B 26 -1.76 30.21 -38.60
C ASP B 26 -0.81 29.99 -37.43
N ARG B 27 0.39 30.54 -37.53
CA ARG B 27 1.40 30.46 -36.47
C ARG B 27 1.74 31.87 -36.02
N ILE B 28 1.74 32.08 -34.71
CA ILE B 28 2.03 33.38 -34.13
C ILE B 28 3.48 33.37 -33.63
N LYS B 29 4.06 34.57 -33.55
CA LYS B 29 5.45 34.68 -33.09
C LYS B 29 5.57 34.21 -31.65
N VAL B 30 6.65 33.47 -31.37
CA VAL B 30 6.83 32.87 -30.06
C VAL B 30 6.96 33.92 -28.96
N SER B 31 7.42 35.13 -29.29
CA SER B 31 7.56 36.16 -28.26
C SER B 31 6.22 36.52 -27.65
N LYS B 32 5.20 36.68 -28.49
CA LYS B 32 3.87 37.05 -27.98
C LYS B 32 3.25 35.91 -27.18
N ALA B 33 3.46 34.66 -27.61
CA ALA B 33 2.97 33.53 -26.84
C ALA B 33 3.69 33.40 -25.50
N ALA B 34 5.00 33.68 -25.48
CA ALA B 34 5.73 33.69 -24.22
C ALA B 34 5.17 34.77 -23.29
N ALA B 35 4.90 35.95 -23.83
CA ALA B 35 4.29 37.00 -23.04
C ALA B 35 2.91 36.57 -22.54
N ASP B 36 2.17 35.82 -23.35
CA ASP B 36 0.85 35.34 -22.94
C ASP B 36 0.97 34.36 -21.77
N LEU B 37 1.90 33.41 -21.86
CA LEU B 37 2.09 32.47 -20.77
C LEU B 37 2.52 33.20 -19.50
N MET B 38 3.44 34.15 -19.62
CA MET B 38 3.84 34.95 -18.47
C MET B 38 2.65 35.71 -17.90
N ALA B 39 1.81 36.27 -18.77
CA ALA B 39 0.64 37.01 -18.29
C ALA B 39 -0.31 36.11 -17.52
N TYR B 40 -0.55 34.90 -18.02
CA TYR B 40 -1.43 34.00 -17.29
C TYR B 40 -0.83 33.60 -15.95
N CYS B 41 0.49 33.38 -15.91
CA CYS B 41 1.12 33.03 -14.65
C CYS B 41 1.02 34.16 -13.63
N GLU B 42 1.31 35.40 -14.05
CA GLU B 42 1.35 36.50 -13.10
C GLU B 42 -0.04 36.99 -12.71
N ALA B 43 -1.01 36.94 -13.61
CA ALA B 43 -2.34 37.43 -13.29
C ALA B 43 -3.00 36.61 -12.20
N HIS B 44 -2.76 35.30 -12.19
CA HIS B 44 -3.33 34.39 -11.20
C HIS B 44 -2.30 33.97 -10.16
N ALA B 45 -1.22 34.74 -10.03
CA ALA B 45 -0.14 34.36 -9.11
C ALA B 45 -0.60 34.44 -7.66
N LYS B 46 -1.21 35.55 -7.26
CA LYS B 46 -1.55 35.75 -5.86
C LYS B 46 -2.68 34.84 -5.39
N GLU B 47 -3.33 34.11 -6.30
CA GLU B 47 -4.32 33.10 -5.94
C GLU B 47 -3.74 31.70 -5.99
N ASP B 48 -2.42 31.55 -6.12
CA ASP B 48 -1.79 30.25 -6.17
C ASP B 48 -1.24 29.89 -4.80
N PRO B 49 -1.90 29.02 -4.03
CA PRO B 49 -1.40 28.74 -2.67
C PRO B 49 0.03 28.24 -2.64
N LEU B 50 0.41 27.39 -3.59
CA LEU B 50 1.75 26.84 -3.61
C LEU B 50 2.80 27.92 -3.84
N LEU B 51 2.54 28.84 -4.77
CA LEU B 51 3.53 29.87 -5.09
C LEU B 51 3.72 30.82 -3.92
N THR B 52 2.63 31.31 -3.34
CA THR B 52 2.67 32.16 -2.16
C THR B 52 1.94 31.48 -1.01
N PRO B 53 2.58 31.26 0.14
CA PRO B 53 1.91 30.54 1.22
C PRO B 53 0.68 31.28 1.72
N VAL B 54 -0.31 30.50 2.14
CA VAL B 54 -1.54 31.03 2.74
C VAL B 54 -1.46 30.74 4.24
N PRO B 55 -1.92 31.63 5.12
CA PRO B 55 -1.69 31.40 6.55
C PRO B 55 -2.47 30.20 7.06
N ALA B 56 -1.96 29.61 8.15
CA ALA B 56 -2.51 28.36 8.66
C ALA B 56 -3.98 28.49 9.03
N SER B 57 -4.48 29.71 9.28
CA SER B 57 -5.88 29.88 9.61
C SER B 57 -6.78 29.46 8.45
N GLU B 58 -6.40 29.79 7.21
CA GLU B 58 -7.17 29.44 6.02
C GLU B 58 -6.58 28.25 5.28
N ASN B 59 -5.72 27.46 5.94
CA ASN B 59 -5.12 26.30 5.32
C ASN B 59 -5.91 25.05 5.72
N PRO B 60 -6.69 24.45 4.82
CA PRO B 60 -7.47 23.27 5.21
C PRO B 60 -6.61 22.09 5.63
N PHE B 61 -5.34 22.06 5.27
CA PHE B 61 -4.47 20.95 5.60
C PHE B 61 -3.47 21.32 6.68
N SER C 6 -17.43 16.07 16.23
CA SER C 6 -18.87 15.98 15.85
C SER C 6 -19.39 14.55 15.87
N ALA C 7 -20.71 14.40 15.85
CA ALA C 7 -21.29 13.06 15.76
C ALA C 7 -21.13 12.50 14.35
N GLU C 8 -21.37 13.34 13.34
CA GLU C 8 -21.17 12.92 11.96
C GLU C 8 -19.70 12.57 11.72
N ASP C 9 -18.78 13.37 12.26
CA ASP C 9 -17.37 13.07 12.10
C ASP C 9 -16.99 11.78 12.82
N LYS C 10 -17.56 11.54 14.00
CA LYS C 10 -17.29 10.29 14.70
C LYS C 10 -17.76 9.09 13.89
N ALA C 11 -18.95 9.19 13.29
CA ALA C 11 -19.43 8.11 12.43
C ALA C 11 -18.56 7.94 11.20
N ALA C 12 -18.09 9.04 10.61
CA ALA C 12 -17.21 8.94 9.45
C ALA C 12 -15.90 8.25 9.82
N VAL C 13 -15.32 8.58 10.97
CA VAL C 13 -14.10 7.93 11.40
C VAL C 13 -14.34 6.45 11.65
N GLU C 14 -15.48 6.10 12.23
CA GLU C 14 -15.81 4.69 12.39
C GLU C 14 -15.90 3.99 11.05
N ARG C 15 -16.51 4.63 10.06
CA ARG C 15 -16.59 4.06 8.73
C ARG C 15 -15.20 3.86 8.12
N SER C 16 -14.32 4.84 8.29
CA SER C 16 -12.98 4.73 7.74
C SER C 16 -12.21 3.59 8.37
N LYS C 17 -12.36 3.40 9.68
CA LYS C 17 -11.73 2.24 10.33
C LYS C 17 -12.32 0.92 9.86
N MET C 18 -13.64 0.88 9.63
CA MET C 18 -14.25 -0.30 9.03
C MET C 18 -13.65 -0.58 7.66
N ILE C 19 -13.37 0.47 6.89
CA ILE C 19 -12.76 0.31 5.57
C ILE C 19 -11.32 -0.21 5.71
N ASP C 20 -10.58 0.35 6.66
CA ASP C 20 -9.20 -0.08 6.88
C ASP C 20 -9.12 -1.55 7.24
N ARG C 21 -10.04 -2.03 8.08
CA ARG C 21 -10.01 -3.44 8.44
C ARG C 21 -10.21 -4.33 7.22
N ASN C 22 -11.15 -3.98 6.36
CA ASN C 22 -11.38 -4.75 5.14
C ASN C 22 -10.19 -4.68 4.20
N LEU C 23 -9.55 -3.51 4.09
CA LEU C 23 -8.37 -3.41 3.24
C LEU C 23 -7.26 -4.30 3.75
N ARG C 24 -7.03 -4.33 5.07
CA ARG C 24 -6.01 -5.19 5.62
C ARG C 24 -6.33 -6.66 5.40
N GLU C 25 -7.59 -7.05 5.58
CA GLU C 25 -7.97 -8.44 5.34
C GLU C 25 -7.75 -8.82 3.88
N ASP C 26 -8.13 -7.94 2.95
CA ASP C 26 -7.92 -8.22 1.53
C ASP C 26 -6.44 -8.33 1.20
N GLY C 27 -5.63 -7.45 1.77
CA GLY C 27 -4.19 -7.54 1.52
C GLY C 27 -3.59 -8.82 2.05
N GLU C 28 -4.01 -9.25 3.24
CA GLU C 28 -3.55 -10.51 3.78
C GLU C 28 -4.00 -11.70 2.95
N LYS C 29 -5.18 -11.63 2.36
CA LYS C 29 -5.62 -12.70 1.47
C LYS C 29 -4.85 -12.69 0.16
N ALA C 30 -4.50 -11.52 -0.35
CA ALA C 30 -3.77 -11.44 -1.62
C ALA C 30 -2.30 -11.83 -1.46
N ALA C 31 -1.72 -11.58 -0.28
CA ALA C 31 -0.32 -11.91 -0.09
C ALA C 31 -0.07 -13.41 -0.16
N ARG C 32 -1.08 -14.23 0.14
CA ARG C 32 -0.92 -15.67 0.07
C ARG C 32 -0.93 -16.19 -1.36
N GLU C 33 -1.32 -15.36 -2.33
CA GLU C 33 -1.44 -15.82 -3.71
C GLU C 33 -0.08 -15.79 -4.39
N VAL C 34 0.15 -16.75 -5.28
CA VAL C 34 1.38 -16.85 -6.05
C VAL C 34 1.12 -16.29 -7.45
N LYS C 35 1.90 -15.28 -7.84
CA LYS C 35 1.71 -14.58 -9.10
C LYS C 35 2.76 -15.05 -10.09
N LEU C 36 2.32 -15.62 -11.21
CA LEU C 36 3.20 -16.14 -12.25
C LEU C 36 2.95 -15.40 -13.56
N LEU C 37 4.04 -15.05 -14.24
CA LEU C 37 3.97 -14.40 -15.55
C LEU C 37 4.35 -15.38 -16.64
N LEU C 38 3.53 -15.43 -17.69
CA LEU C 38 3.67 -16.39 -18.77
C LEU C 38 4.10 -15.66 -20.03
N LEU C 39 5.21 -16.10 -20.63
CA LEU C 39 5.74 -15.45 -21.83
C LEU C 39 6.09 -16.49 -22.88
N GLY C 40 6.54 -16.05 -24.04
CA GLY C 40 6.88 -16.94 -25.14
C GLY C 40 6.36 -16.42 -26.47
N ALA C 41 6.74 -17.12 -27.53
CA ALA C 41 6.32 -16.78 -28.87
C ALA C 41 4.89 -17.26 -29.11
N GLY C 42 4.36 -16.88 -30.27
CA GLY C 42 2.95 -17.16 -30.55
C GLY C 42 2.65 -18.65 -30.57
N GLU C 43 3.51 -19.45 -31.19
CA GLU C 43 3.30 -20.87 -31.37
C GLU C 43 4.08 -21.71 -30.35
N SER C 44 4.65 -21.06 -29.32
CA SER C 44 5.50 -21.78 -28.39
C SER C 44 4.76 -22.94 -27.73
N GLY C 45 3.48 -22.76 -27.44
CA GLY C 45 2.71 -23.77 -26.75
C GLY C 45 2.17 -23.25 -25.43
N LYS C 46 2.26 -21.92 -25.23
CA LYS C 46 1.74 -21.32 -24.01
C LYS C 46 0.25 -21.63 -23.84
N SER C 47 -0.49 -21.65 -24.95
CA SER C 47 -1.91 -22.00 -24.86
C SER C 47 -2.08 -23.42 -24.36
N THR C 48 -1.27 -24.35 -24.85
CA THR C 48 -1.35 -25.73 -24.37
C THR C 48 -0.99 -25.83 -22.90
N ILE C 49 0.02 -25.08 -22.46
CA ILE C 49 0.39 -25.08 -21.05
C ILE C 49 -0.76 -24.54 -20.20
N VAL C 50 -1.39 -23.45 -20.65
CA VAL C 50 -2.52 -22.89 -19.90
C VAL C 50 -3.64 -23.92 -19.82
N LYS C 51 -3.92 -24.62 -20.92
CA LYS C 51 -4.93 -25.66 -20.88
C LYS C 51 -4.56 -26.74 -19.86
N GLN C 52 -3.28 -27.10 -19.81
CA GLN C 52 -2.83 -28.10 -18.84
C GLN C 52 -3.08 -27.61 -17.41
N MET C 53 -2.78 -26.34 -17.14
CA MET C 53 -2.86 -25.84 -15.76
C MET C 53 -4.28 -25.92 -15.22
N LYS C 54 -5.28 -25.82 -16.09
CA LYS C 54 -6.68 -25.90 -15.66
C LYS C 54 -7.36 -27.10 -16.31
N THR C 182 -10.00 -9.93 -23.95
CA THR C 182 -8.69 -9.69 -24.55
C THR C 182 -7.77 -8.98 -23.56
N GLY C 183 -6.59 -8.60 -24.02
CA GLY C 183 -5.65 -7.88 -23.19
C GLY C 183 -4.79 -8.80 -22.36
N ILE C 184 -5.01 -8.80 -21.05
CA ILE C 184 -4.34 -9.70 -20.13
C ILE C 184 -5.33 -10.78 -19.72
N VAL C 185 -4.90 -12.03 -19.79
CA VAL C 185 -5.73 -13.18 -19.43
C VAL C 185 -5.19 -13.78 -18.15
N GLU C 186 -6.04 -13.89 -17.14
CA GLU C 186 -5.66 -14.40 -15.83
C GLU C 186 -6.23 -15.80 -15.64
N THR C 187 -5.38 -16.71 -15.15
CA THR C 187 -5.77 -18.06 -14.82
C THR C 187 -5.50 -18.31 -13.34
N HIS C 188 -6.52 -18.75 -12.61
CA HIS C 188 -6.41 -19.04 -11.20
C HIS C 188 -6.57 -20.53 -11.00
N PHE C 189 -5.59 -21.16 -10.34
CA PHE C 189 -5.68 -22.59 -10.04
C PHE C 189 -4.98 -22.83 -8.71
N THR C 190 -5.44 -23.85 -8.00
CA THR C 190 -4.90 -24.22 -6.69
C THR C 190 -4.24 -25.58 -6.79
N PHE C 191 -3.01 -25.67 -6.29
CA PHE C 191 -2.25 -26.92 -6.30
C PHE C 191 -1.63 -27.12 -4.93
N LYS C 192 -1.93 -28.26 -4.31
CA LYS C 192 -1.34 -28.65 -3.03
C LYS C 192 -1.44 -27.51 -2.01
N ASP C 193 -2.64 -26.98 -1.87
CA ASP C 193 -2.96 -25.95 -0.88
C ASP C 193 -2.23 -24.63 -1.14
N LEU C 194 -1.80 -24.40 -2.38
CA LEU C 194 -1.15 -23.16 -2.77
C LEU C 194 -1.88 -22.55 -3.96
N HIS C 195 -2.21 -21.27 -3.86
CA HIS C 195 -3.01 -20.58 -4.87
C HIS C 195 -2.09 -19.88 -5.88
N PHE C 196 -2.29 -20.18 -7.16
CA PHE C 196 -1.46 -19.66 -8.22
C PHE C 196 -2.30 -18.76 -9.13
N LYS C 197 -1.75 -17.60 -9.48
CA LYS C 197 -2.34 -16.70 -10.47
C LYS C 197 -1.36 -16.58 -11.62
N MET C 198 -1.76 -17.02 -12.81
CA MET C 198 -0.93 -16.97 -14.02
C MET C 198 -1.49 -15.93 -14.96
N PHE C 199 -0.62 -15.07 -15.47
CA PHE C 199 -1.01 -13.95 -16.33
C PHE C 199 -0.45 -14.16 -17.72
N ASP C 200 -1.31 -14.57 -18.65
CA ASP C 200 -0.95 -14.71 -20.05
C ASP C 200 -1.10 -13.34 -20.69
N VAL C 201 0.01 -12.65 -20.88
CA VAL C 201 0.01 -11.28 -21.39
C VAL C 201 0.51 -11.28 -22.83
N GLY C 202 0.36 -12.41 -23.52
CA GLY C 202 0.79 -12.52 -24.90
C GLY C 202 -0.16 -11.93 -25.92
N GLY C 203 -1.38 -11.58 -25.50
CA GLY C 203 -2.36 -11.00 -26.39
C GLY C 203 -2.30 -9.49 -26.39
N GLN C 204 -1.26 -8.94 -25.77
CA GLN C 204 -1.11 -7.48 -25.69
C GLN C 204 -0.60 -6.89 -27.00
N ARG C 205 0.47 -7.44 -27.56
CA ARG C 205 0.98 -7.00 -28.85
C ARG C 205 1.26 -5.51 -28.87
N SER C 206 1.81 -4.99 -27.79
CA SER C 206 2.30 -3.62 -27.72
C SER C 206 3.71 -3.65 -27.12
N GLU C 207 4.29 -2.46 -26.94
CA GLU C 207 5.67 -2.37 -26.47
C GLU C 207 5.77 -2.89 -25.05
N ARG C 208 6.56 -3.96 -24.85
CA ARG C 208 6.68 -4.55 -23.52
C ARG C 208 7.33 -3.62 -22.51
N LYS C 209 8.15 -2.68 -22.96
CA LYS C 209 8.91 -1.86 -22.03
C LYS C 209 8.03 -0.98 -21.17
N LYS C 210 6.77 -0.78 -21.55
CA LYS C 210 5.88 0.12 -20.83
C LYS C 210 5.06 -0.57 -19.75
N TRP C 211 4.74 -1.85 -19.92
CA TRP C 211 3.89 -2.56 -18.98
C TRP C 211 4.57 -3.79 -18.38
N ILE C 212 5.85 -4.02 -18.68
CA ILE C 212 6.50 -5.18 -18.08
C ILE C 212 6.82 -4.91 -16.62
N HIS C 213 7.16 -3.67 -16.27
CA HIS C 213 7.45 -3.35 -14.88
C HIS C 213 6.26 -3.62 -13.97
N CYS C 214 5.04 -3.67 -14.53
CA CYS C 214 3.87 -4.00 -13.74
C CYS C 214 3.93 -5.39 -13.13
N PHE C 215 4.79 -6.26 -13.65
CA PHE C 215 4.88 -7.63 -13.19
C PHE C 215 6.07 -7.87 -12.26
N GLU C 216 6.79 -6.81 -11.92
CA GLU C 216 7.83 -6.92 -10.90
C GLU C 216 7.20 -7.44 -9.61
N GLY C 217 7.85 -8.40 -8.98
CA GLY C 217 7.33 -9.00 -7.77
C GLY C 217 6.63 -10.33 -7.98
N VAL C 218 6.48 -10.79 -9.22
CA VAL C 218 5.95 -12.12 -9.44
C VAL C 218 6.92 -13.14 -8.84
N THR C 219 6.39 -14.30 -8.47
CA THR C 219 7.26 -15.35 -7.94
C THR C 219 8.25 -15.83 -9.00
N ALA C 220 7.77 -16.03 -10.22
CA ALA C 220 8.61 -16.56 -11.29
C ALA C 220 8.03 -16.13 -12.62
N ILE C 221 8.74 -16.50 -13.69
CA ILE C 221 8.31 -16.24 -15.05
C ILE C 221 8.35 -17.56 -15.79
N ILE C 222 7.18 -18.09 -16.17
CA ILE C 222 7.13 -19.27 -17.00
C ILE C 222 7.36 -18.86 -18.44
N PHE C 223 8.41 -19.41 -19.07
CA PHE C 223 8.78 -19.06 -20.44
C PHE C 223 8.70 -20.31 -21.29
N CYS C 224 8.03 -20.19 -22.42
CA CYS C 224 7.78 -21.33 -23.30
C CYS C 224 8.53 -21.12 -24.62
N VAL C 225 9.17 -22.18 -25.10
CA VAL C 225 9.85 -22.18 -26.38
C VAL C 225 9.57 -23.52 -27.06
N ALA C 226 9.30 -23.47 -28.36
CA ALA C 226 8.98 -24.66 -29.13
C ALA C 226 10.25 -25.21 -29.76
N LEU C 227 10.63 -26.43 -29.36
CA LEU C 227 11.82 -27.06 -29.93
C LEU C 227 11.63 -27.37 -31.41
N SER C 228 10.40 -27.42 -31.89
CA SER C 228 10.11 -27.72 -33.28
C SER C 228 10.21 -26.50 -34.19
N ASP C 229 10.81 -25.41 -33.70
CA ASP C 229 10.98 -24.19 -34.49
C ASP C 229 12.43 -23.99 -34.93
N TYR C 230 13.25 -25.04 -34.84
CA TYR C 230 14.66 -24.88 -35.20
C TYR C 230 14.84 -24.80 -36.71
N ASP C 231 14.03 -25.53 -37.46
CA ASP C 231 14.12 -25.57 -38.92
C ASP C 231 13.08 -24.68 -39.60
N LEU C 232 12.24 -23.99 -38.84
CA LEU C 232 11.19 -23.18 -39.42
C LEU C 232 11.65 -21.73 -39.55
N VAL C 233 10.74 -20.87 -39.98
CA VAL C 233 11.02 -19.44 -40.12
C VAL C 233 9.69 -18.71 -40.07
N LEU C 234 9.70 -17.52 -39.48
CA LEU C 234 8.46 -16.76 -39.34
C LEU C 234 7.86 -16.47 -40.72
N ALA C 235 6.54 -16.50 -40.79
CA ALA C 235 5.86 -16.31 -42.08
C ALA C 235 6.12 -14.93 -42.66
N GLU C 236 6.62 -13.99 -41.87
CA GLU C 236 6.87 -12.63 -42.32
C GLU C 236 8.31 -12.41 -42.77
N ASP C 237 9.28 -12.68 -41.90
CA ASP C 237 10.68 -12.44 -42.23
C ASP C 237 11.16 -13.48 -43.25
N GLU C 238 12.36 -13.22 -43.78
CA GLU C 238 12.88 -14.05 -44.86
C GLU C 238 13.54 -15.32 -44.33
N GLU C 239 14.60 -15.18 -43.52
CA GLU C 239 15.33 -16.34 -43.04
C GLU C 239 15.76 -16.21 -41.59
N MET C 240 15.00 -15.47 -40.78
CA MET C 240 15.27 -15.36 -39.35
C MET C 240 14.53 -16.48 -38.64
N ASN C 241 15.29 -17.39 -38.04
CA ASN C 241 14.69 -18.57 -37.43
C ASN C 241 13.77 -18.17 -36.28
N ARG C 242 12.69 -18.93 -36.11
CA ARG C 242 11.81 -18.74 -34.96
C ARG C 242 12.54 -19.02 -33.67
N MET C 243 13.42 -20.04 -33.65
CA MET C 243 14.16 -20.37 -32.46
C MET C 243 15.06 -19.21 -32.04
N HIS C 244 15.70 -18.55 -33.01
CA HIS C 244 16.52 -17.40 -32.67
C HIS C 244 15.69 -16.23 -32.16
N GLU C 245 14.46 -16.08 -32.67
CA GLU C 245 13.58 -15.05 -32.11
C GLU C 245 13.22 -15.36 -30.67
N SER C 246 12.93 -16.63 -30.37
CA SER C 246 12.68 -17.02 -28.99
C SER C 246 13.90 -16.75 -28.12
N MET C 247 15.10 -17.03 -28.64
CA MET C 247 16.32 -16.75 -27.89
C MET C 247 16.49 -15.25 -27.64
N LYS C 248 16.18 -14.43 -28.64
CA LYS C 248 16.25 -12.98 -28.46
C LYS C 248 15.30 -12.53 -27.36
N LEU C 249 14.07 -13.04 -27.38
CA LEU C 249 13.11 -12.67 -26.35
C LEU C 249 13.57 -13.14 -24.97
N PHE C 250 14.12 -14.35 -24.89
CA PHE C 250 14.60 -14.88 -23.62
C PHE C 250 15.75 -14.05 -23.07
N ASP C 251 16.68 -13.64 -23.94
CA ASP C 251 17.77 -12.79 -23.52
C ASP C 251 17.25 -11.44 -23.03
N SER C 252 16.26 -10.88 -23.73
CA SER C 252 15.67 -9.62 -23.29
C SER C 252 15.00 -9.76 -21.93
N ILE C 253 14.35 -10.90 -21.67
CA ILE C 253 13.59 -11.07 -20.44
C ILE C 253 14.49 -11.39 -19.25
N CYS C 254 15.35 -12.40 -19.38
CA CYS C 254 16.09 -12.89 -18.22
C CYS C 254 17.09 -11.85 -17.71
N ASN C 255 17.56 -10.95 -18.58
CA ASN C 255 18.48 -9.90 -18.18
C ASN C 255 17.77 -8.58 -17.89
N ASN C 256 16.44 -8.57 -17.87
CA ASN C 256 15.70 -7.35 -17.63
C ASN C 256 16.00 -6.82 -16.22
N LYS C 257 16.05 -5.50 -16.10
CA LYS C 257 16.33 -4.90 -14.79
C LYS C 257 15.22 -5.19 -13.78
N TRP C 258 14.00 -5.46 -14.25
CA TRP C 258 12.88 -5.73 -13.37
C TRP C 258 12.86 -7.16 -12.85
N PHE C 259 13.68 -8.03 -13.40
CA PHE C 259 13.67 -9.45 -13.04
C PHE C 259 15.06 -9.94 -12.69
N THR C 260 15.84 -9.10 -12.00
CA THR C 260 17.18 -9.51 -11.59
C THR C 260 17.13 -10.70 -10.65
N ASP C 261 16.20 -10.68 -9.70
CA ASP C 261 16.05 -11.76 -8.73
C ASP C 261 14.96 -12.75 -9.10
N THR C 262 14.11 -12.41 -10.06
CA THR C 262 12.99 -13.29 -10.40
C THR C 262 13.49 -14.53 -11.13
N SER C 263 13.11 -15.70 -10.63
CA SER C 263 13.46 -16.94 -11.28
C SER C 263 12.66 -17.12 -12.56
N ILE C 264 13.17 -17.95 -13.45
CA ILE C 264 12.52 -18.23 -14.72
C ILE C 264 12.32 -19.73 -14.84
N ILE C 265 11.10 -20.15 -15.12
CA ILE C 265 10.80 -21.53 -15.47
C ILE C 265 10.73 -21.63 -16.99
N LEU C 266 11.58 -22.45 -17.58
CA LEU C 266 11.71 -22.56 -19.02
C LEU C 266 11.06 -23.86 -19.47
N PHE C 267 9.99 -23.75 -20.24
CA PHE C 267 9.35 -24.91 -20.85
C PHE C 267 9.80 -25.02 -22.29
N LEU C 268 10.14 -26.23 -22.69
CA LEU C 268 10.55 -26.53 -24.06
C LEU C 268 9.51 -27.50 -24.63
N ASN C 269 8.63 -26.98 -25.47
CA ASN C 269 7.44 -27.69 -25.91
C ASN C 269 7.69 -28.44 -27.22
N LYS C 270 6.69 -29.22 -27.63
CA LYS C 270 6.71 -29.94 -28.90
C LYS C 270 7.99 -30.78 -29.02
N LYS C 271 8.33 -31.49 -27.94
CA LYS C 271 9.58 -32.24 -27.92
C LYS C 271 9.49 -33.47 -28.82
N ASP C 272 8.33 -34.13 -28.86
CA ASP C 272 8.18 -35.31 -29.71
C ASP C 272 8.25 -34.94 -31.19
N LEU C 273 7.55 -33.86 -31.57
CA LEU C 273 7.65 -33.38 -32.94
C LEU C 273 9.07 -32.94 -33.26
N PHE C 274 9.78 -32.38 -32.28
CA PHE C 274 11.19 -32.05 -32.49
C PHE C 274 12.02 -33.29 -32.74
N GLU C 275 11.74 -34.37 -32.00
CA GLU C 275 12.44 -35.63 -32.23
C GLU C 275 12.20 -36.12 -33.65
N GLU C 276 10.95 -36.09 -34.09
CA GLU C 276 10.63 -36.51 -35.45
C GLU C 276 11.36 -35.64 -36.46
N LYS C 277 11.38 -34.33 -36.24
CA LYS C 277 12.06 -33.43 -37.17
C LYS C 277 13.55 -33.72 -37.25
N ILE C 278 14.20 -33.83 -36.08
CA ILE C 278 15.65 -34.03 -36.05
C ILE C 278 16.04 -35.39 -36.58
N LYS C 279 15.17 -36.40 -36.48
CA LYS C 279 15.50 -37.70 -37.04
C LYS C 279 15.76 -37.64 -38.55
N LYS C 280 15.23 -36.62 -39.23
CA LYS C 280 15.37 -36.50 -40.67
C LYS C 280 16.15 -35.26 -41.10
N SER C 281 15.91 -34.11 -40.46
CA SER C 281 16.54 -32.84 -40.82
C SER C 281 17.72 -32.55 -39.88
N PRO C 282 18.72 -31.79 -40.32
CA PRO C 282 19.87 -31.54 -39.47
C PRO C 282 19.70 -30.31 -38.60
N LEU C 283 20.43 -30.30 -37.49
CA LEU C 283 20.38 -29.19 -36.55
C LEU C 283 21.26 -28.01 -36.97
N THR C 284 22.13 -28.20 -37.96
CA THR C 284 23.01 -27.12 -38.36
C THR C 284 22.26 -25.95 -38.98
N ILE C 285 21.03 -26.17 -39.44
CA ILE C 285 20.28 -25.10 -40.10
C ILE C 285 20.12 -23.91 -39.17
N CYS C 286 19.85 -24.16 -37.89
CA CYS C 286 19.70 -23.10 -36.90
C CYS C 286 21.04 -22.69 -36.31
N TYR C 287 21.73 -23.62 -35.65
CA TYR C 287 23.02 -23.34 -35.04
C TYR C 287 24.12 -23.68 -36.04
N PRO C 288 24.87 -22.70 -36.55
CA PRO C 288 25.94 -23.04 -37.51
C PRO C 288 26.97 -23.99 -36.94
N GLU C 289 27.29 -23.88 -35.65
CA GLU C 289 28.26 -24.76 -35.01
C GLU C 289 27.53 -25.75 -34.11
N TYR C 290 27.82 -27.03 -34.30
CA TYR C 290 27.21 -28.07 -33.48
C TYR C 290 28.05 -29.34 -33.60
N ALA C 291 28.61 -29.79 -32.49
CA ALA C 291 29.37 -31.03 -32.43
C ALA C 291 28.50 -32.06 -31.72
N GLY C 292 27.81 -32.88 -32.51
CA GLY C 292 26.94 -33.91 -31.96
C GLY C 292 26.08 -34.56 -33.03
N SER C 293 25.65 -35.79 -32.76
CA SER C 293 24.86 -36.54 -33.73
C SER C 293 23.41 -36.06 -33.73
N ASN C 294 22.66 -36.51 -34.72
CA ASN C 294 21.24 -36.16 -34.85
C ASN C 294 20.41 -37.13 -33.99
N THR C 295 20.66 -37.08 -32.69
CA THR C 295 19.95 -37.88 -31.71
C THR C 295 19.19 -36.95 -30.77
N TYR C 296 17.99 -37.36 -30.37
CA TYR C 296 17.12 -36.47 -29.60
C TYR C 296 17.78 -36.04 -28.30
N GLU C 297 18.36 -37.00 -27.56
CA GLU C 297 18.93 -36.66 -26.27
C GLU C 297 19.96 -35.54 -26.39
N GLU C 298 20.95 -35.72 -27.26
CA GLU C 298 22.03 -34.75 -27.38
C GLU C 298 21.57 -33.44 -27.98
N ALA C 299 20.72 -33.47 -29.01
CA ALA C 299 20.24 -32.23 -29.59
C ALA C 299 19.42 -31.43 -28.59
N ALA C 300 18.52 -32.10 -27.87
CA ALA C 300 17.72 -31.41 -26.86
C ALA C 300 18.60 -30.86 -25.75
N ALA C 301 19.60 -31.64 -25.32
CA ALA C 301 20.51 -31.15 -24.29
C ALA C 301 21.27 -29.92 -24.78
N TYR C 302 21.73 -29.93 -26.04
CA TYR C 302 22.45 -28.78 -26.56
C TYR C 302 21.56 -27.55 -26.60
N ILE C 303 20.32 -27.71 -27.07
CA ILE C 303 19.41 -26.56 -27.11
C ILE C 303 19.16 -26.04 -25.69
N GLN C 304 18.92 -26.95 -24.75
CA GLN C 304 18.68 -26.52 -23.38
C GLN C 304 19.87 -25.75 -22.83
N CYS C 305 21.08 -26.32 -22.93
CA CYS C 305 22.26 -25.66 -22.42
C CYS C 305 22.51 -24.32 -23.11
N GLN C 306 22.21 -24.24 -24.41
CA GLN C 306 22.33 -22.96 -25.10
C GLN C 306 21.37 -21.94 -24.52
N PHE C 307 20.16 -22.37 -24.17
CA PHE C 307 19.19 -21.43 -23.59
C PHE C 307 19.58 -21.01 -22.19
N GLU C 308 20.13 -21.93 -21.38
CA GLU C 308 20.52 -21.60 -20.03
C GLU C 308 21.81 -20.78 -19.97
N ASP C 309 22.47 -20.55 -21.10
CA ASP C 309 23.69 -19.76 -21.14
C ASP C 309 23.45 -18.27 -21.36
N LEU C 310 22.20 -17.86 -21.59
CA LEU C 310 21.93 -16.45 -21.84
C LEU C 310 21.95 -15.61 -20.58
N ASN C 311 21.61 -16.18 -19.43
CA ASN C 311 21.49 -15.41 -18.20
C ASN C 311 22.88 -15.11 -17.64
N LYS C 312 23.10 -13.84 -17.33
CA LYS C 312 24.35 -13.43 -16.69
C LYS C 312 24.26 -13.44 -15.17
N ARG C 313 23.06 -13.39 -14.62
CA ARG C 313 22.86 -13.47 -13.16
C ARG C 313 22.82 -14.93 -12.74
N LYS C 314 23.96 -15.60 -12.89
CA LYS C 314 24.02 -17.03 -12.61
C LYS C 314 23.83 -17.33 -11.13
N ASP C 315 24.32 -16.46 -10.25
CA ASP C 315 24.26 -16.69 -8.82
C ASP C 315 23.16 -15.92 -8.11
N THR C 316 22.26 -15.28 -8.87
CA THR C 316 21.12 -14.58 -8.29
C THR C 316 19.79 -15.23 -8.64
N LYS C 317 19.54 -15.52 -9.91
CA LYS C 317 18.33 -16.19 -10.34
C LYS C 317 18.68 -17.56 -10.91
N GLU C 318 17.76 -18.50 -10.74
CA GLU C 318 17.94 -19.87 -11.18
C GLU C 318 16.96 -20.16 -12.31
N ILE C 319 17.46 -20.73 -13.39
CA ILE C 319 16.63 -21.12 -14.53
C ILE C 319 16.29 -22.59 -14.37
N TYR C 320 15.00 -22.88 -14.26
CA TYR C 320 14.51 -24.24 -14.15
C TYR C 320 13.97 -24.65 -15.50
N THR C 321 14.66 -25.56 -16.17
CA THR C 321 14.26 -26.03 -17.49
C THR C 321 13.51 -27.35 -17.36
N HIS C 322 12.41 -27.47 -18.10
CA HIS C 322 11.60 -28.67 -18.09
C HIS C 322 11.15 -28.98 -19.52
N PHE C 323 11.03 -30.27 -19.82
CA PHE C 323 10.52 -30.72 -21.10
C PHE C 323 9.06 -31.10 -20.92
N THR C 324 8.19 -30.54 -21.77
CA THR C 324 6.75 -30.66 -21.57
C THR C 324 6.31 -32.11 -21.66
N CYS C 325 5.51 -32.54 -20.69
CA CYS C 325 4.91 -33.87 -20.68
C CYS C 325 3.40 -33.71 -20.64
N ALA C 326 2.73 -34.28 -21.64
CA ALA C 326 1.30 -34.02 -21.81
C ALA C 326 0.45 -34.79 -20.80
N THR C 327 0.51 -36.12 -20.83
CA THR C 327 -0.40 -36.91 -20.01
C THR C 327 -0.02 -36.88 -18.54
N ASP C 328 1.28 -36.86 -18.23
CA ASP C 328 1.72 -36.98 -16.84
C ASP C 328 1.24 -35.82 -16.00
N THR C 329 0.90 -34.68 -16.61
CA THR C 329 0.50 -33.48 -15.89
C THR C 329 1.61 -33.03 -14.93
N LYS C 330 2.85 -33.34 -15.25
CA LYS C 330 3.97 -32.95 -14.41
C LYS C 330 4.40 -31.50 -14.63
N ASN C 331 3.79 -30.79 -15.58
CA ASN C 331 4.14 -29.39 -15.78
C ASN C 331 3.70 -28.56 -14.59
N VAL C 332 2.47 -28.76 -14.12
CA VAL C 332 2.00 -28.00 -12.97
C VAL C 332 2.79 -28.39 -11.72
N GLN C 333 3.13 -29.67 -11.59
CA GLN C 333 3.95 -30.10 -10.46
C GLN C 333 5.34 -29.48 -10.50
N PHE C 334 5.92 -29.36 -11.70
CA PHE C 334 7.22 -28.72 -11.82
C PHE C 334 7.15 -27.24 -11.47
N VAL C 335 6.10 -26.56 -11.93
CA VAL C 335 5.90 -25.17 -11.54
C VAL C 335 5.77 -25.06 -10.03
N PHE C 336 4.99 -25.95 -9.43
CA PHE C 336 4.85 -25.97 -7.98
C PHE C 336 6.20 -26.13 -7.30
N ASP C 337 6.98 -27.13 -7.71
CA ASP C 337 8.26 -27.41 -7.08
C ASP C 337 9.21 -26.23 -7.20
N ALA C 338 9.29 -25.63 -8.39
CA ALA C 338 10.15 -24.47 -8.57
C ALA C 338 9.70 -23.32 -7.70
N VAL C 339 8.39 -23.10 -7.60
CA VAL C 339 7.89 -22.02 -6.76
C VAL C 339 8.26 -22.26 -5.30
N THR C 340 8.05 -23.47 -4.79
CA THR C 340 8.43 -23.74 -3.40
C THR C 340 9.93 -23.60 -3.21
N ASP C 341 10.73 -24.02 -4.19
CA ASP C 341 12.17 -23.88 -4.07
C ASP C 341 12.57 -22.42 -3.93
N VAL C 342 11.98 -21.55 -4.77
CA VAL C 342 12.32 -20.13 -4.68
C VAL C 342 11.80 -19.54 -3.37
N ILE C 343 10.61 -19.96 -2.92
CA ILE C 343 10.07 -19.45 -1.67
C ILE C 343 10.97 -19.84 -0.50
N ILE C 344 11.42 -21.09 -0.46
CA ILE C 344 12.27 -21.54 0.62
C ILE C 344 13.61 -20.81 0.59
N LYS C 345 14.17 -20.61 -0.60
CA LYS C 345 15.42 -19.87 -0.69
C LYS C 345 15.26 -18.43 -0.24
N ASN C 346 14.15 -17.78 -0.59
CA ASN C 346 13.90 -16.42 -0.11
C ASN C 346 13.72 -16.41 1.40
N ASN C 347 13.04 -17.41 1.95
CA ASN C 347 12.86 -17.52 3.39
C ASN C 347 14.21 -17.64 4.09
N LEU C 348 15.11 -18.45 3.54
CA LEU C 348 16.45 -18.53 4.08
C LEU C 348 17.22 -17.22 3.91
N LYS C 349 16.93 -16.47 2.85
CA LYS C 349 17.61 -15.20 2.64
C LYS C 349 17.21 -14.17 3.70
N ASP C 350 15.91 -13.92 3.85
CA ASP C 350 15.48 -12.83 4.71
C ASP C 350 15.69 -13.12 6.19
N CYS C 351 15.86 -14.38 6.56
CA CYS C 351 16.11 -14.72 7.95
C CYS C 351 17.60 -14.81 8.28
N GLY C 352 18.48 -14.59 7.30
CA GLY C 352 19.91 -14.59 7.53
C GLY C 352 20.53 -15.97 7.58
N LEU C 353 19.75 -17.03 7.44
CA LEU C 353 20.26 -18.40 7.50
C LEU C 353 20.72 -18.90 6.14
N PHE C 354 21.55 -18.13 5.45
CA PHE C 354 22.04 -18.51 4.12
C PHE C 354 22.86 -17.39 3.51
N GLN D 33 17.89 -19.00 61.69
CA GLN D 33 19.31 -18.58 61.88
C GLN D 33 19.87 -18.02 60.58
N CYS D 34 20.04 -16.69 60.54
CA CYS D 34 20.56 -16.00 59.38
C CYS D 34 21.55 -14.94 59.86
N PHE D 35 22.46 -14.54 58.97
CA PHE D 35 23.48 -13.57 59.33
C PHE D 35 23.89 -12.80 58.07
N TYR D 36 23.37 -11.58 57.94
CA TYR D 36 23.80 -10.67 56.89
C TYR D 36 24.75 -9.59 57.40
N ASN D 37 24.96 -9.50 58.72
CA ASN D 37 25.92 -8.56 59.26
C ASN D 37 27.35 -9.01 59.07
N GLU D 38 27.57 -10.29 58.79
CA GLU D 38 28.92 -10.77 58.56
C GLU D 38 29.48 -10.18 57.27
N SER D 39 30.80 -10.21 57.14
CA SER D 39 31.49 -9.68 55.98
C SER D 39 31.69 -10.79 54.96
N ILE D 40 32.40 -10.46 53.88
CA ILE D 40 32.67 -11.41 52.81
C ILE D 40 33.37 -12.65 53.37
N ALA D 41 34.30 -12.43 54.30
CA ALA D 41 35.19 -13.50 54.71
C ALA D 41 34.43 -14.65 55.32
N PHE D 42 33.31 -14.36 55.99
CA PHE D 42 32.58 -15.42 56.68
C PHE D 42 32.21 -16.54 55.72
N PHE D 43 31.78 -16.19 54.52
CA PHE D 43 31.36 -17.19 53.54
C PHE D 43 32.54 -17.76 52.75
N TYR D 44 33.51 -16.93 52.39
CA TYR D 44 34.67 -17.41 51.65
C TYR D 44 35.43 -18.46 52.45
N ASN D 45 35.73 -18.15 53.72
CA ASN D 45 36.56 -19.01 54.54
C ASN D 45 35.86 -20.32 54.89
N ARG D 46 34.53 -20.34 54.82
CA ARG D 46 33.76 -21.52 55.14
C ARG D 46 33.43 -22.38 53.93
N SER D 47 33.74 -21.90 52.73
CA SER D 47 33.54 -22.67 51.51
C SER D 47 34.84 -23.13 50.87
N GLY D 48 35.90 -22.31 50.93
CA GLY D 48 37.19 -22.72 50.43
C GLY D 48 37.88 -21.68 49.56
N LYS D 49 37.10 -20.77 48.96
CA LYS D 49 37.68 -19.79 48.06
C LYS D 49 38.70 -18.93 48.79
N HIS D 50 39.85 -18.71 48.14
CA HIS D 50 40.94 -17.97 48.74
C HIS D 50 40.73 -16.46 48.56
N LEU D 51 41.03 -15.71 49.63
CA LEU D 51 40.82 -14.26 49.58
C LEU D 51 41.81 -13.59 48.64
N ALA D 52 43.03 -14.10 48.54
CA ALA D 52 44.06 -13.56 47.66
C ALA D 52 44.39 -12.11 48.02
N THR D 53 44.94 -11.97 49.23
CA THR D 53 45.38 -10.65 49.70
C THR D 53 46.42 -10.04 48.77
N GLU D 54 47.16 -10.88 48.04
CA GLU D 54 48.17 -10.43 47.10
C GLU D 54 47.91 -11.03 45.71
N TRP D 55 48.39 -10.34 44.69
CA TRP D 55 48.22 -10.80 43.32
C TRP D 55 49.05 -12.06 43.08
N ASN D 56 48.77 -12.72 41.95
CA ASN D 56 49.44 -13.95 41.59
C ASN D 56 49.73 -13.94 40.09
N THR D 57 50.76 -14.68 39.69
CA THR D 57 51.12 -14.76 38.27
C THR D 57 49.99 -15.38 37.47
N VAL D 58 49.41 -16.48 37.96
CA VAL D 58 48.25 -17.07 37.31
C VAL D 58 47.12 -16.06 37.26
N SER D 59 46.92 -15.32 38.35
CA SER D 59 45.89 -14.28 38.38
C SER D 59 46.20 -13.21 37.34
N LYS D 60 47.46 -12.80 37.21
CA LYS D 60 47.82 -11.79 36.23
C LYS D 60 47.53 -12.26 34.81
N LEU D 61 47.90 -13.50 34.48
CA LEU D 61 47.68 -14.01 33.13
C LEU D 61 46.21 -14.13 32.81
N VAL D 62 45.43 -14.70 33.73
CA VAL D 62 44.00 -14.85 33.48
C VAL D 62 43.34 -13.48 33.41
N MET D 63 43.84 -12.52 34.20
CA MET D 63 43.34 -11.15 34.11
C MET D 63 43.61 -10.54 32.75
N GLY D 64 44.82 -10.72 32.22
CA GLY D 64 45.10 -10.20 30.89
C GLY D 64 44.20 -10.80 29.84
N LEU D 65 44.04 -12.12 29.88
CA LEU D 65 43.14 -12.76 28.92
C LEU D 65 41.72 -12.21 29.04
N GLY D 66 41.24 -12.06 30.28
CA GLY D 66 39.89 -11.58 30.48
C GLY D 66 39.69 -10.17 29.97
N ILE D 67 40.64 -9.28 30.24
CA ILE D 67 40.50 -7.89 29.80
C ILE D 67 40.55 -7.82 28.28
N THR D 68 41.42 -8.62 27.65
CA THR D 68 41.48 -8.63 26.19
C THR D 68 40.15 -9.12 25.62
N VAL D 69 39.60 -10.20 26.18
CA VAL D 69 38.33 -10.72 25.69
C VAL D 69 37.22 -9.69 25.87
N CYS D 70 37.21 -9.00 27.01
CA CYS D 70 36.19 -7.99 27.27
C CYS D 70 36.26 -6.85 26.25
N ILE D 71 37.48 -6.38 25.97
CA ILE D 71 37.63 -5.31 24.99
C ILE D 71 37.14 -5.77 23.63
N PHE D 72 37.50 -6.99 23.23
CA PHE D 72 37.04 -7.51 21.95
C PHE D 72 35.51 -7.57 21.90
N ILE D 73 34.90 -8.04 22.99
CA ILE D 73 33.45 -8.14 23.05
C ILE D 73 32.82 -6.77 22.84
N MET D 74 33.29 -5.77 23.60
CA MET D 74 32.71 -4.44 23.49
C MET D 74 32.85 -3.90 22.07
N LEU D 75 34.05 -4.04 21.50
CA LEU D 75 34.28 -3.51 20.16
C LEU D 75 33.36 -4.16 19.15
N ALA D 76 33.32 -5.49 19.14
CA ALA D 76 32.52 -6.20 18.14
C ALA D 76 31.04 -5.85 18.28
N ASN D 77 30.52 -5.83 19.51
CA ASN D 77 29.11 -5.53 19.67
C ASN D 77 28.78 -4.09 19.28
N LEU D 78 29.68 -3.15 19.60
CA LEU D 78 29.46 -1.78 19.15
C LEU D 78 29.40 -1.70 17.64
N LEU D 79 30.32 -2.39 16.95
CA LEU D 79 30.28 -2.40 15.48
C LEU D 79 28.96 -2.98 14.99
N VAL D 80 28.52 -4.08 15.59
CA VAL D 80 27.29 -4.74 15.12
C VAL D 80 26.11 -3.79 15.27
N MET D 81 25.97 -3.14 16.42
CA MET D 81 24.84 -2.24 16.63
C MET D 81 24.91 -1.05 15.68
N VAL D 82 26.11 -0.46 15.54
CA VAL D 82 26.24 0.71 14.69
C VAL D 82 25.87 0.37 13.25
N ALA D 83 26.32 -0.78 12.76
CA ALA D 83 25.99 -1.19 11.40
C ALA D 83 24.49 -1.47 11.27
N ILE D 84 23.91 -2.17 12.24
CA ILE D 84 22.50 -2.51 12.18
C ILE D 84 21.62 -1.28 12.22
N TYR D 85 22.08 -0.20 12.84
CA TYR D 85 21.28 1.03 12.91
C TYR D 85 21.55 2.00 11.76
N VAL D 86 22.78 2.05 11.24
CA VAL D 86 23.10 3.05 10.23
C VAL D 86 22.38 2.76 8.91
N ASN D 87 22.26 1.50 8.52
CA ASN D 87 21.69 1.12 7.23
C ASN D 87 20.20 0.93 7.38
N ARG D 88 19.42 1.63 6.56
CA ARG D 88 17.98 1.43 6.53
C ARG D 88 17.59 0.07 5.96
N ARG D 89 18.47 -0.55 5.17
CA ARG D 89 18.19 -1.89 4.65
C ARG D 89 18.10 -2.90 5.78
N PHE D 90 18.92 -2.73 6.83
CA PHE D 90 18.90 -3.62 7.98
C PHE D 90 17.95 -3.09 9.06
N HIS D 91 16.69 -2.94 8.65
CA HIS D 91 15.64 -2.46 9.55
C HIS D 91 14.48 -3.43 9.56
N PHE D 92 14.77 -4.72 9.69
CA PHE D 92 13.77 -5.78 9.69
C PHE D 92 13.96 -6.65 10.92
N PRO D 93 12.93 -7.38 11.33
CA PRO D 93 12.94 -7.98 12.67
C PRO D 93 14.15 -8.84 12.99
N ILE D 94 14.65 -9.62 12.02
CA ILE D 94 15.80 -10.48 12.29
C ILE D 94 17.01 -9.65 12.67
N TYR D 95 17.24 -8.55 11.94
CA TYR D 95 18.35 -7.67 12.30
C TYR D 95 18.10 -6.97 13.62
N TYR D 96 16.83 -6.77 13.99
CA TYR D 96 16.54 -6.20 15.30
C TYR D 96 16.94 -7.16 16.42
N LEU D 97 16.59 -8.44 16.28
CA LEU D 97 17.04 -9.41 17.28
C LEU D 97 18.56 -9.56 17.25
N MET D 98 19.17 -9.41 16.08
CA MET D 98 20.61 -9.43 15.99
C MET D 98 21.23 -8.30 16.80
N ALA D 99 20.69 -7.09 16.64
CA ALA D 99 21.20 -5.94 17.40
C ALA D 99 20.97 -6.12 18.89
N ASN D 100 19.82 -6.69 19.28
CA ASN D 100 19.59 -6.94 20.69
C ASN D 100 20.60 -7.95 21.23
N LEU D 101 20.93 -8.97 20.44
CA LEU D 101 21.98 -9.90 20.85
C LEU D 101 23.31 -9.18 21.01
N ALA D 102 23.63 -8.28 20.09
CA ALA D 102 24.86 -7.51 20.21
C ALA D 102 24.87 -6.68 21.48
N ALA D 103 23.76 -6.03 21.80
CA ALA D 103 23.68 -5.24 23.03
C ALA D 103 23.82 -6.12 24.26
N ALA D 104 23.19 -7.31 24.25
CA ALA D 104 23.31 -8.21 25.38
C ALA D 104 24.75 -8.66 25.56
N ASP D 105 25.44 -8.96 24.47
CA ASP D 105 26.85 -9.35 24.57
C ASP D 105 27.71 -8.19 25.05
N PHE D 106 27.37 -6.95 24.64
CA PHE D 106 28.06 -5.79 25.18
C PHE D 106 27.87 -5.70 26.69
N PHE D 107 26.64 -5.92 27.15
CA PHE D 107 26.37 -5.90 28.58
C PHE D 107 27.15 -6.99 29.31
N ALA D 108 27.25 -8.17 28.70
CA ALA D 108 28.03 -9.25 29.29
C ALA D 108 29.51 -8.88 29.36
N GLY D 109 30.04 -8.25 28.31
CA GLY D 109 31.42 -7.80 28.36
C GLY D 109 31.64 -6.78 29.47
N LEU D 110 30.71 -5.84 29.62
CA LEU D 110 30.83 -4.87 30.70
C LEU D 110 30.80 -5.55 32.06
N ALA D 111 29.88 -6.50 32.24
CA ALA D 111 29.77 -7.20 33.52
C ALA D 111 31.05 -7.97 33.83
N TYR D 112 31.63 -8.65 32.84
CA TYR D 112 32.88 -9.36 33.06
C TYR D 112 34.02 -8.39 33.34
N PHE D 113 34.05 -7.25 32.65
CA PHE D 113 35.07 -6.24 32.92
C PHE D 113 34.98 -5.75 34.35
N TYR D 114 33.76 -5.52 34.83
CA TYR D 114 33.58 -5.06 36.21
C TYR D 114 33.92 -6.15 37.22
N LEU D 115 33.61 -7.41 36.90
CA LEU D 115 34.03 -8.50 37.78
C LEU D 115 35.54 -8.53 37.90
N MET D 116 36.24 -8.36 36.79
CA MET D 116 37.67 -8.13 36.86
C MET D 116 37.92 -6.76 37.51
N PHE D 117 39.09 -6.62 38.13
CA PHE D 117 39.42 -5.47 38.97
C PHE D 117 38.65 -5.50 40.29
N ASN D 118 37.82 -6.52 40.52
CA ASN D 118 37.17 -6.74 41.80
C ASN D 118 37.54 -8.10 42.37
N THR D 119 38.70 -8.64 41.97
CA THR D 119 39.14 -9.96 42.40
C THR D 119 40.58 -9.83 42.90
N GLY D 120 41.22 -10.97 43.13
CA GLY D 120 42.53 -10.98 43.72
C GLY D 120 42.49 -10.34 45.10
N PRO D 121 43.13 -9.19 45.27
CA PRO D 121 42.96 -8.42 46.51
C PRO D 121 41.81 -7.43 46.50
N ASN D 122 41.07 -7.32 45.39
CA ASN D 122 39.97 -6.38 45.26
C ASN D 122 38.62 -6.99 45.60
N THR D 123 38.58 -8.27 45.95
CA THR D 123 37.34 -8.92 46.35
C THR D 123 37.10 -8.83 47.85
N ARG D 124 37.94 -8.07 48.58
CA ARG D 124 37.74 -7.93 50.01
C ARG D 124 37.19 -6.57 50.42
N ARG D 125 37.24 -5.57 49.53
CA ARG D 125 36.56 -4.31 49.80
C ARG D 125 35.06 -4.42 49.63
N LEU D 126 34.55 -5.55 49.14
CA LEU D 126 33.14 -5.69 48.85
C LEU D 126 32.34 -5.97 50.11
N THR D 127 31.02 -5.79 49.99
CA THR D 127 30.06 -6.19 51.01
C THR D 127 29.03 -7.11 50.37
N VAL D 128 28.10 -7.61 51.17
CA VAL D 128 27.11 -8.55 50.66
C VAL D 128 26.31 -7.92 49.52
N SER D 129 25.86 -6.68 49.72
CA SER D 129 25.03 -6.03 48.71
C SER D 129 25.82 -5.74 47.44
N THR D 130 27.02 -5.19 47.58
CA THR D 130 27.81 -4.83 46.40
C THR D 130 28.23 -6.05 45.61
N TRP D 131 28.67 -7.10 46.30
CA TRP D 131 29.04 -8.33 45.60
C TRP D 131 27.82 -8.98 44.95
N LEU D 132 26.66 -8.92 45.62
CA LEU D 132 25.44 -9.39 44.99
C LEU D 132 25.14 -8.59 43.73
N LEU D 133 25.38 -7.28 43.75
CA LEU D 133 25.23 -6.47 42.54
C LEU D 133 26.12 -6.97 41.42
N ARG D 134 27.38 -7.25 41.75
CA ARG D 134 28.32 -7.78 40.76
C ARG D 134 27.79 -9.08 40.13
N GLN D 135 27.45 -10.04 40.99
CA GLN D 135 27.00 -11.35 40.50
C GLN D 135 25.70 -11.23 39.73
N GLY D 136 24.80 -10.36 40.17
CA GLY D 136 23.55 -10.16 39.45
C GLY D 136 23.76 -9.56 38.08
N LEU D 137 24.69 -8.61 37.96
CA LEU D 137 25.04 -8.08 36.65
C LEU D 137 25.50 -9.20 35.72
N ILE D 138 26.44 -10.02 36.21
CA ILE D 138 26.92 -11.12 35.38
C ILE D 138 25.75 -12.02 34.95
N ASP D 139 24.91 -12.40 35.92
CA ASP D 139 23.84 -13.34 35.64
C ASP D 139 22.86 -12.78 34.62
N THR D 140 22.44 -11.53 34.81
CA THR D 140 21.46 -10.94 33.89
C THR D 140 22.04 -10.84 32.49
N SER D 141 23.30 -10.44 32.38
CA SER D 141 23.89 -10.31 31.04
C SER D 141 23.93 -11.66 30.33
N LEU D 142 24.43 -12.68 31.01
CA LEU D 142 24.52 -13.98 30.35
C LEU D 142 23.14 -14.54 30.02
N THR D 143 22.18 -14.38 30.93
CA THR D 143 20.82 -14.85 30.65
C THR D 143 20.24 -14.14 29.44
N ALA D 144 20.46 -12.84 29.33
CA ALA D 144 19.97 -12.10 28.17
C ALA D 144 20.59 -12.60 26.89
N SER D 145 21.89 -12.86 26.89
CA SER D 145 22.54 -13.39 25.69
C SER D 145 21.94 -14.73 25.27
N VAL D 146 21.80 -15.65 26.22
CA VAL D 146 21.27 -16.97 25.88
C VAL D 146 19.84 -16.85 25.37
N ALA D 147 19.02 -16.02 26.03
CA ALA D 147 17.64 -15.85 25.60
C ALA D 147 17.58 -15.24 24.20
N ASN D 148 18.48 -14.32 23.89
CA ASN D 148 18.50 -13.74 22.55
C ASN D 148 18.85 -14.80 21.50
N LEU D 149 19.80 -15.68 21.82
CA LEU D 149 20.10 -16.78 20.90
C LEU D 149 18.86 -17.64 20.65
N LEU D 150 18.14 -17.97 21.73
CA LEU D 150 16.94 -18.78 21.56
C LEU D 150 15.89 -18.05 20.71
N ALA D 151 15.72 -16.75 20.95
CA ALA D 151 14.74 -15.99 20.19
C ALA D 151 15.11 -15.94 18.71
N ILE D 152 16.40 -15.80 18.41
CA ILE D 152 16.84 -15.83 17.02
C ILE D 152 16.49 -17.18 16.40
N ALA D 153 16.74 -18.27 17.13
CA ALA D 153 16.38 -19.58 16.60
C ALA D 153 14.89 -19.65 16.28
N ILE D 154 14.05 -19.15 17.19
CA ILE D 154 12.62 -19.21 16.98
C ILE D 154 12.21 -18.38 15.76
N GLU D 155 12.78 -17.18 15.61
CA GLU D 155 12.39 -16.33 14.49
C GLU D 155 12.86 -16.93 13.16
N ARG D 156 14.03 -17.56 13.16
CA ARG D 156 14.48 -18.25 11.96
C ARG D 156 13.54 -19.38 11.61
N HIS D 157 13.11 -20.16 12.59
CA HIS D 157 12.13 -21.21 12.32
C HIS D 157 10.87 -20.63 11.70
N ILE D 158 10.35 -19.55 12.29
CA ILE D 158 9.11 -18.97 11.81
C ILE D 158 9.29 -18.50 10.36
N THR D 159 10.38 -17.79 10.08
CA THR D 159 10.60 -17.28 8.73
C THR D 159 10.73 -18.42 7.73
N VAL D 160 11.50 -19.46 8.08
CA VAL D 160 11.74 -20.54 7.14
C VAL D 160 10.45 -21.26 6.79
N PHE D 161 9.58 -21.48 7.78
CA PHE D 161 8.42 -22.33 7.54
C PHE D 161 7.21 -21.60 6.98
N ARG D 162 7.34 -20.32 6.64
CA ARG D 162 6.26 -19.61 5.99
C ARG D 162 6.28 -19.88 4.49
N MET D 163 5.10 -19.75 3.85
CA MET D 163 4.90 -20.12 2.46
C MET D 163 4.46 -18.92 1.64
N GLN D 164 5.11 -17.78 1.83
CA GLN D 164 4.82 -16.57 1.09
C GLN D 164 6.14 -15.97 0.60
N LEU D 165 6.03 -15.06 -0.37
CA LEU D 165 7.23 -14.48 -0.98
C LEU D 165 7.70 -13.24 -0.22
N HIS D 166 6.86 -12.21 -0.14
CA HIS D 166 7.28 -10.92 0.43
C HIS D 166 6.94 -10.85 1.91
N THR D 167 5.65 -10.93 2.25
CA THR D 167 5.20 -10.94 3.64
C THR D 167 5.74 -9.75 4.43
N ARG D 168 5.31 -8.55 4.02
CA ARG D 168 5.61 -7.36 4.80
C ARG D 168 4.98 -7.49 6.18
N MET D 169 5.81 -7.63 7.21
CA MET D 169 5.36 -7.95 8.57
C MET D 169 5.53 -6.74 9.48
N SER D 170 4.94 -6.87 10.68
CA SER D 170 5.00 -5.82 11.67
C SER D 170 6.24 -5.95 12.53
N ASN D 171 6.56 -4.86 13.24
CA ASN D 171 7.68 -4.83 14.18
C ASN D 171 7.24 -5.01 15.63
N ARG D 172 5.96 -5.34 15.86
CA ARG D 172 5.48 -5.49 17.23
C ARG D 172 5.95 -6.78 17.87
N ARG D 173 5.93 -7.89 17.13
CA ARG D 173 6.30 -9.18 17.70
C ARG D 173 7.75 -9.18 18.14
N VAL D 174 8.63 -8.57 17.36
CA VAL D 174 10.05 -8.55 17.71
C VAL D 174 10.27 -7.81 19.02
N VAL D 175 9.62 -6.65 19.19
CA VAL D 175 9.79 -5.92 20.44
C VAL D 175 9.13 -6.66 21.60
N VAL D 176 8.03 -7.37 21.35
CA VAL D 176 7.40 -8.14 22.43
C VAL D 176 8.35 -9.23 22.92
N VAL D 177 8.96 -9.98 21.99
CA VAL D 177 9.88 -11.02 22.42
C VAL D 177 11.12 -10.38 23.05
N ILE D 178 11.52 -9.20 22.59
CA ILE D 178 12.64 -8.50 23.22
C ILE D 178 12.34 -8.18 24.67
N VAL D 179 11.14 -7.65 24.94
CA VAL D 179 10.82 -7.29 26.32
C VAL D 179 10.69 -8.54 27.18
N VAL D 180 10.16 -9.63 26.62
CA VAL D 180 10.12 -10.88 27.38
C VAL D 180 11.54 -11.31 27.74
N ILE D 181 12.45 -11.27 26.77
CA ILE D 181 13.84 -11.66 27.02
C ILE D 181 14.44 -10.82 28.13
N TRP D 182 14.30 -9.50 28.01
CA TRP D 182 14.96 -8.61 28.96
C TRP D 182 14.35 -8.74 30.35
N THR D 183 13.02 -8.86 30.44
CA THR D 183 12.39 -9.03 31.74
C THR D 183 12.85 -10.33 32.39
N MET D 184 12.93 -11.41 31.62
CA MET D 184 13.41 -12.66 32.18
C MET D 184 14.85 -12.52 32.66
N ALA D 185 15.69 -11.86 31.88
CA ALA D 185 17.09 -11.69 32.29
C ALA D 185 17.19 -10.88 33.58
N ILE D 186 16.44 -9.78 33.65
CA ILE D 186 16.51 -8.92 34.84
C ILE D 186 15.99 -9.66 36.06
N VAL D 187 14.86 -10.35 35.94
CA VAL D 187 14.33 -11.05 37.10
C VAL D 187 15.27 -12.17 37.52
N MET D 188 15.91 -12.86 36.58
CA MET D 188 16.87 -13.88 36.95
C MET D 188 18.07 -13.27 37.67
N GLY D 189 18.53 -12.11 37.21
CA GLY D 189 19.63 -11.44 37.88
C GLY D 189 19.29 -10.81 39.21
N ALA D 190 18.01 -10.57 39.48
CA ALA D 190 17.59 -9.96 40.72
C ALA D 190 17.12 -10.96 41.77
N ILE D 191 16.58 -12.11 41.35
CA ILE D 191 16.04 -13.08 42.32
C ILE D 191 17.07 -13.41 43.39
N PRO D 192 18.31 -13.76 43.07
CA PRO D 192 19.28 -14.03 44.15
C PRO D 192 19.53 -12.84 45.05
N SER D 193 19.41 -11.62 44.53
CA SER D 193 19.62 -10.43 45.34
C SER D 193 18.47 -10.17 46.31
N VAL D 194 17.36 -10.90 46.20
CA VAL D 194 16.17 -10.66 47.02
C VAL D 194 15.95 -11.77 48.04
N GLY D 195 15.68 -12.99 47.59
CA GLY D 195 15.37 -14.06 48.51
C GLY D 195 15.98 -15.40 48.20
N TRP D 196 16.51 -15.58 46.99
CA TRP D 196 17.06 -16.87 46.58
C TRP D 196 18.58 -16.85 46.71
N ASN D 197 19.02 -16.85 47.97
CA ASN D 197 20.44 -16.89 48.29
C ASN D 197 20.60 -17.42 49.70
N CYS D 198 21.83 -17.81 50.04
CA CYS D 198 22.10 -18.59 51.24
C CYS D 198 22.53 -17.74 52.42
N ILE D 199 22.03 -16.51 52.50
CA ILE D 199 22.23 -15.71 53.70
C ILE D 199 21.61 -16.39 54.91
N CYS D 200 20.55 -17.17 54.70
CA CYS D 200 19.86 -17.86 55.79
C CYS D 200 20.28 -19.32 55.94
N ASP D 201 20.48 -20.03 54.82
CA ASP D 201 20.92 -21.42 54.84
C ASP D 201 22.42 -21.42 54.54
N ILE D 202 23.23 -21.19 55.56
CA ILE D 202 24.66 -21.08 55.36
C ILE D 202 25.24 -22.41 54.90
N GLU D 203 24.71 -23.52 55.41
CA GLU D 203 25.29 -24.83 55.12
C GLU D 203 25.14 -25.19 53.64
N ASN D 204 23.94 -25.01 53.10
CA ASN D 204 23.63 -25.49 51.76
C ASN D 204 23.72 -24.33 50.76
N CYS D 205 24.93 -24.14 50.22
CA CYS D 205 25.11 -23.24 49.09
C CYS D 205 26.51 -23.42 48.51
N SER D 206 26.76 -22.70 47.40
CA SER D 206 27.87 -23.00 46.50
C SER D 206 29.23 -22.75 47.12
N ASN D 207 30.28 -23.17 46.40
CA ASN D 207 31.66 -22.98 46.81
C ASN D 207 32.37 -21.89 46.03
N MET D 208 31.92 -21.61 44.81
CA MET D 208 32.51 -20.56 43.99
C MET D 208 31.88 -19.21 44.28
N ALA D 209 30.55 -19.13 44.22
CA ALA D 209 29.80 -17.99 44.72
C ALA D 209 29.33 -18.33 46.12
N PRO D 210 30.05 -17.89 47.16
CA PRO D 210 29.78 -18.42 48.51
C PRO D 210 28.36 -18.20 49.00
N LEU D 211 27.63 -17.23 48.46
CA LEU D 211 26.26 -16.98 48.89
C LEU D 211 25.21 -17.64 48.01
N TYR D 212 25.41 -17.66 46.70
CA TYR D 212 24.43 -18.27 45.81
C TYR D 212 24.17 -19.72 46.24
N SER D 213 22.89 -20.05 46.39
CA SER D 213 22.49 -21.38 46.81
C SER D 213 22.65 -22.37 45.67
N ASP D 214 22.91 -23.63 46.04
CA ASP D 214 23.00 -24.67 45.03
C ASP D 214 21.73 -24.72 44.19
N SER D 215 20.58 -24.40 44.78
CA SER D 215 19.34 -24.38 44.02
C SER D 215 19.40 -23.36 42.90
N TYR D 216 19.95 -22.18 43.18
CA TYR D 216 20.04 -21.15 42.16
C TYR D 216 20.94 -21.59 41.00
N LEU D 217 22.10 -22.17 41.32
CA LEU D 217 22.99 -22.66 40.28
C LEU D 217 22.33 -23.75 39.45
N VAL D 218 21.64 -24.68 40.12
CA VAL D 218 20.96 -25.75 39.40
C VAL D 218 19.91 -25.16 38.47
N PHE D 219 19.15 -24.17 38.95
CA PHE D 219 18.11 -23.56 38.13
C PHE D 219 18.71 -22.89 36.91
N TRP D 220 19.79 -22.12 37.10
CA TRP D 220 20.41 -21.45 35.97
C TRP D 220 20.95 -22.46 34.96
N ALA D 221 21.59 -23.52 35.44
CA ALA D 221 22.13 -24.53 34.54
C ALA D 221 21.02 -25.22 33.76
N ILE D 222 19.91 -25.55 34.43
CA ILE D 222 18.83 -26.22 33.73
C ILE D 222 18.18 -25.28 32.71
N PHE D 223 18.06 -23.99 33.04
CA PHE D 223 17.56 -23.03 32.07
C PHE D 223 18.44 -23.02 30.83
N ASN D 224 19.76 -22.96 31.04
CA ASN D 224 20.69 -23.01 29.92
C ASN D 224 20.50 -24.29 29.10
N LEU D 225 20.32 -25.41 29.78
CA LEU D 225 20.21 -26.69 29.08
C LEU D 225 18.95 -26.74 28.21
N VAL D 226 17.81 -26.32 28.76
CA VAL D 226 16.59 -26.37 27.97
C VAL D 226 16.69 -25.39 26.81
N THR D 227 17.29 -24.22 27.02
CA THR D 227 17.48 -23.29 25.91
C THR D 227 18.29 -23.94 24.79
N PHE D 228 19.40 -24.57 25.15
CA PHE D 228 20.26 -25.17 24.14
C PHE D 228 19.54 -26.29 23.39
N VAL D 229 18.80 -27.15 24.11
CA VAL D 229 18.14 -28.24 23.42
C VAL D 229 17.03 -27.72 22.52
N VAL D 230 16.32 -26.66 22.93
CA VAL D 230 15.30 -26.09 22.05
C VAL D 230 15.94 -25.53 20.79
N MET D 231 17.09 -24.86 20.94
CA MET D 231 17.79 -24.37 19.76
C MET D 231 18.16 -25.52 18.82
N VAL D 232 18.70 -26.60 19.38
CA VAL D 232 19.09 -27.74 18.57
C VAL D 232 17.88 -28.28 17.81
N VAL D 233 16.75 -28.45 18.51
CA VAL D 233 15.57 -29.00 17.86
C VAL D 233 15.10 -28.10 16.74
N LEU D 234 15.03 -26.79 16.98
CA LEU D 234 14.54 -25.87 15.97
C LEU D 234 15.44 -25.88 14.74
N TYR D 235 16.75 -25.85 14.94
CA TYR D 235 17.65 -25.84 13.79
C TYR D 235 17.61 -27.16 13.04
N ALA D 236 17.45 -28.28 13.76
CA ALA D 236 17.32 -29.56 13.08
C ALA D 236 16.06 -29.59 12.22
N HIS D 237 14.95 -29.06 12.74
CA HIS D 237 13.72 -29.02 11.95
C HIS D 237 13.90 -28.15 10.71
N ILE D 238 14.52 -26.98 10.86
CA ILE D 238 14.78 -26.13 9.70
C ILE D 238 15.59 -26.89 8.67
N PHE D 239 16.66 -27.54 9.11
CA PHE D 239 17.54 -28.23 8.18
C PHE D 239 16.82 -29.34 7.45
N GLY D 240 16.04 -30.15 8.18
CA GLY D 240 15.31 -31.22 7.53
C GLY D 240 14.28 -30.73 6.53
N TYR D 241 13.50 -29.71 6.90
CA TYR D 241 12.51 -29.15 5.99
C TYR D 241 13.18 -28.65 4.71
N VAL D 242 14.23 -27.83 4.87
CA VAL D 242 14.91 -27.28 3.70
C VAL D 242 15.48 -28.40 2.85
N ARG D 243 16.14 -29.37 3.50
CA ARG D 243 16.76 -30.46 2.74
C ARG D 243 15.74 -31.18 1.89
N GLN D 244 14.64 -31.62 2.51
CA GLN D 244 13.66 -32.38 1.76
C GLN D 244 13.06 -31.55 0.62
N ARG D 245 12.62 -30.33 0.93
CA ARG D 245 11.91 -29.56 -0.09
C ARG D 245 12.82 -29.14 -1.23
N THR D 246 14.06 -28.75 -0.93
CA THR D 246 14.96 -28.31 -2.00
C THR D 246 15.51 -29.48 -2.79
N MET D 247 15.82 -30.61 -2.13
CA MET D 247 16.29 -31.78 -2.86
C MET D 247 15.18 -32.42 -3.67
N ARG D 248 13.91 -32.12 -3.37
CA ARG D 248 12.84 -32.53 -4.26
C ARG D 248 13.07 -31.98 -5.66
N MET D 249 13.79 -30.85 -5.76
CA MET D 249 14.14 -30.26 -7.04
C MET D 249 15.43 -30.86 -7.57
N ASP D 261 26.45 -25.77 -3.23
CA ASP D 261 25.16 -26.35 -2.87
C ASP D 261 24.64 -25.72 -1.58
N THR D 262 23.33 -25.45 -1.55
CA THR D 262 22.75 -24.80 -0.38
C THR D 262 22.78 -25.70 0.84
N MET D 263 22.67 -27.02 0.66
CA MET D 263 22.69 -27.91 1.82
C MET D 263 24.00 -27.78 2.58
N MET D 264 25.12 -27.73 1.86
CA MET D 264 26.41 -27.64 2.55
C MET D 264 26.51 -26.35 3.35
N SER D 265 26.09 -25.23 2.77
CA SER D 265 26.16 -23.96 3.49
C SER D 265 25.23 -23.95 4.70
N LEU D 266 24.02 -24.47 4.55
CA LEU D 266 23.10 -24.55 5.67
C LEU D 266 23.67 -25.42 6.79
N LEU D 267 24.23 -26.57 6.42
CA LEU D 267 24.80 -27.47 7.42
C LEU D 267 25.98 -26.79 8.13
N LYS D 268 26.82 -26.09 7.38
CA LYS D 268 27.95 -25.40 8.01
C LYS D 268 27.48 -24.33 8.98
N THR D 269 26.50 -23.52 8.57
CA THR D 269 26.02 -22.47 9.46
C THR D 269 25.42 -23.06 10.72
N VAL D 270 24.58 -24.09 10.58
CA VAL D 270 23.96 -24.71 11.73
C VAL D 270 25.04 -25.29 12.65
N VAL D 271 26.02 -25.98 12.06
CA VAL D 271 27.04 -26.65 12.86
C VAL D 271 27.86 -25.63 13.64
N ILE D 272 28.25 -24.52 13.01
CA ILE D 272 29.07 -23.55 13.75
C ILE D 272 28.24 -22.86 14.84
N VAL D 273 26.99 -22.49 14.54
CA VAL D 273 26.21 -21.77 15.53
C VAL D 273 25.97 -22.66 16.76
N LEU D 274 25.73 -23.96 16.54
CA LEU D 274 25.56 -24.85 17.68
C LEU D 274 26.89 -25.17 18.36
N GLY D 275 27.95 -25.30 17.56
CA GLY D 275 29.24 -25.71 18.11
C GLY D 275 29.85 -24.66 19.01
N ALA D 276 29.74 -23.39 18.63
CA ALA D 276 30.25 -22.33 19.49
C ALA D 276 29.59 -22.40 20.85
N PHE D 277 28.27 -22.52 20.87
CA PHE D 277 27.54 -22.62 22.13
C PHE D 277 28.04 -23.82 22.95
N ILE D 278 28.05 -25.00 22.35
CA ILE D 278 28.37 -26.20 23.11
C ILE D 278 29.80 -26.13 23.65
N ILE D 279 30.75 -25.71 22.81
CA ILE D 279 32.14 -25.64 23.24
C ILE D 279 32.36 -24.60 24.31
N CYS D 280 31.67 -23.46 24.25
CA CYS D 280 31.92 -22.38 25.18
C CYS D 280 31.03 -22.40 26.42
N TRP D 281 30.08 -23.34 26.51
CA TRP D 281 29.21 -23.41 27.68
C TRP D 281 29.33 -24.72 28.44
N THR D 282 29.46 -25.86 27.77
CA THR D 282 29.49 -27.13 28.47
C THR D 282 30.49 -27.17 29.61
N PRO D 283 31.74 -26.70 29.45
CA PRO D 283 32.64 -26.68 30.61
C PRO D 283 32.07 -25.92 31.80
N GLY D 284 31.53 -24.72 31.56
CA GLY D 284 31.02 -23.93 32.68
C GLY D 284 29.82 -24.58 33.36
N LEU D 285 28.88 -25.08 32.55
CA LEU D 285 27.69 -25.70 33.13
C LEU D 285 28.06 -26.95 33.91
N VAL D 286 28.96 -27.77 33.35
CA VAL D 286 29.39 -28.96 34.07
C VAL D 286 30.12 -28.58 35.34
N LEU D 287 30.89 -27.49 35.31
CA LEU D 287 31.60 -27.05 36.51
C LEU D 287 30.61 -26.62 37.59
N LEU D 288 29.57 -25.89 37.22
CA LEU D 288 28.55 -25.49 38.19
C LEU D 288 27.84 -26.71 38.76
N LEU D 289 27.51 -27.68 37.89
CA LEU D 289 26.87 -28.89 38.38
C LEU D 289 27.79 -29.66 39.33
N LEU D 290 29.09 -29.69 39.03
CA LEU D 290 30.04 -30.33 39.94
C LEU D 290 30.07 -29.61 41.28
N ASP D 291 30.06 -28.28 41.26
CA ASP D 291 30.03 -27.52 42.51
C ASP D 291 28.81 -27.90 43.34
N VAL D 292 27.64 -27.97 42.71
CA VAL D 292 26.41 -28.23 43.46
C VAL D 292 26.19 -29.70 43.76
N CYS D 293 26.98 -30.60 43.17
CA CYS D 293 26.76 -32.03 43.31
C CYS D 293 27.92 -32.77 43.95
N CYS D 294 29.16 -32.55 43.50
CA CYS D 294 30.28 -33.39 43.89
C CYS D 294 30.93 -32.83 45.15
N PRO D 295 30.93 -33.55 46.27
CA PRO D 295 31.74 -33.13 47.42
C PRO D 295 33.21 -33.44 47.19
N GLN D 296 34.08 -32.51 47.57
CA GLN D 296 35.53 -32.68 47.45
C GLN D 296 36.00 -32.68 46.01
N CYS D 297 35.26 -31.98 45.14
CA CYS D 297 35.67 -31.78 43.74
C CYS D 297 36.29 -30.39 43.63
N ASP D 298 37.59 -30.33 43.42
CA ASP D 298 38.27 -29.05 43.31
C ASP D 298 37.83 -28.34 42.04
N VAL D 299 36.94 -27.37 42.17
CA VAL D 299 36.35 -26.69 41.03
C VAL D 299 36.69 -25.21 40.98
N LEU D 300 37.43 -24.71 41.97
CA LEU D 300 37.75 -23.28 42.02
C LEU D 300 38.95 -22.92 41.16
N ALA D 301 39.92 -23.82 41.02
CA ALA D 301 41.05 -23.55 40.14
C ALA D 301 40.62 -23.44 38.69
N TYR D 302 39.72 -24.31 38.25
CA TYR D 302 39.24 -24.33 36.88
C TYR D 302 38.01 -23.46 36.67
N GLU D 303 37.74 -22.53 37.58
CA GLU D 303 36.56 -21.66 37.53
C GLU D 303 36.77 -20.46 36.62
N LYS D 304 37.80 -19.67 36.88
CA LYS D 304 37.96 -18.40 36.17
C LYS D 304 38.17 -18.62 34.68
N PHE D 305 38.93 -19.64 34.30
CA PHE D 305 39.13 -19.93 32.88
C PHE D 305 37.82 -20.35 32.20
N PHE D 306 37.01 -21.16 32.88
CA PHE D 306 35.75 -21.59 32.27
C PHE D 306 34.79 -20.42 32.11
N LEU D 307 34.75 -19.52 33.10
CA LEU D 307 33.95 -18.31 32.95
C LEU D 307 34.49 -17.44 31.81
N LEU D 308 35.82 -17.39 31.66
CA LEU D 308 36.43 -16.70 30.54
C LEU D 308 35.94 -17.28 29.22
N LEU D 309 35.86 -18.61 29.13
CA LEU D 309 35.34 -19.25 27.92
C LEU D 309 33.87 -18.86 27.69
N ALA D 310 33.08 -18.85 28.76
CA ALA D 310 31.68 -18.47 28.62
C ALA D 310 31.56 -17.06 28.05
N GLU D 311 32.44 -16.15 28.46
CA GLU D 311 32.40 -14.80 27.91
C GLU D 311 32.97 -14.75 26.50
N PHE D 312 33.94 -15.60 26.19
CA PHE D 312 34.38 -15.74 24.81
C PHE D 312 33.24 -16.18 23.90
N ASN D 313 32.26 -16.89 24.45
CA ASN D 313 31.06 -17.20 23.68
C ASN D 313 30.40 -15.93 23.16
N SER D 314 30.11 -14.99 24.07
CA SER D 314 29.54 -13.71 23.65
C SER D 314 30.49 -12.97 22.73
N ALA D 315 31.80 -13.17 22.90
CA ALA D 315 32.75 -12.57 21.97
C ALA D 315 32.55 -13.10 20.54
N MET D 316 32.32 -14.40 20.41
CA MET D 316 32.21 -15.01 19.09
C MET D 316 30.85 -14.80 18.44
N ASN D 317 29.79 -14.59 19.23
CA ASN D 317 28.45 -14.45 18.66
C ASN D 317 28.36 -13.38 17.58
N PRO D 318 28.87 -12.16 17.77
CA PRO D 318 28.72 -11.13 16.73
C PRO D 318 29.33 -11.51 15.40
N ILE D 319 30.36 -12.35 15.38
CA ILE D 319 30.97 -12.76 14.12
C ILE D 319 30.30 -13.98 13.51
N ILE D 320 29.74 -14.87 14.34
CA ILE D 320 29.07 -16.05 13.80
C ILE D 320 27.83 -15.66 13.02
N TYR D 321 27.09 -14.67 13.50
CA TYR D 321 25.80 -14.30 12.93
C TYR D 321 25.92 -13.18 11.91
N SER D 322 27.14 -12.76 11.56
CA SER D 322 27.33 -11.70 10.58
C SER D 322 28.25 -12.08 9.44
N TYR D 323 28.99 -13.19 9.54
CA TYR D 323 29.94 -13.54 8.48
C TYR D 323 29.23 -13.94 7.19
N ARG D 324 28.07 -14.60 7.29
CA ARG D 324 27.37 -15.06 6.10
C ARG D 324 26.73 -13.93 5.31
N ASP D 325 26.34 -12.85 5.99
CA ASP D 325 25.67 -11.73 5.34
C ASP D 325 26.70 -10.90 4.58
N LYS D 326 26.68 -11.00 3.25
CA LYS D 326 27.66 -10.31 2.44
C LYS D 326 27.54 -8.79 2.58
N GLU D 327 26.34 -8.26 2.38
CA GLU D 327 26.14 -6.82 2.50
C GLU D 327 26.39 -6.34 3.92
N MET D 328 25.84 -7.06 4.90
CA MET D 328 26.02 -6.68 6.30
C MET D 328 27.50 -6.74 6.69
N SER D 329 28.28 -7.61 6.08
CA SER D 329 29.72 -7.66 6.28
C SER D 329 30.45 -6.62 5.45
N ALA D 330 29.80 -6.05 4.43
CA ALA D 330 30.39 -4.99 3.64
C ALA D 330 30.27 -3.62 4.29
N THR D 331 29.22 -3.40 5.09
CA THR D 331 29.14 -2.16 5.86
C THR D 331 30.07 -2.21 7.06
N PHE D 332 30.47 -3.40 7.48
CA PHE D 332 31.47 -3.57 8.53
C PHE D 332 32.84 -3.08 8.11
N ARG D 333 33.06 -2.84 6.82
CA ARG D 333 34.35 -2.41 6.31
C ARG D 333 34.34 -0.92 5.97
N VAL E 2 -35.93 -0.55 -2.07
CA VAL E 2 -35.24 0.22 -1.00
C VAL E 2 -36.17 0.39 0.19
N GLN E 3 -37.18 -0.47 0.28
CA GLN E 3 -38.19 -0.34 1.32
C GLN E 3 -37.66 -0.79 2.68
N LEU E 4 -38.25 -0.22 3.73
CA LEU E 4 -37.99 -0.61 5.11
C LEU E 4 -39.33 -0.90 5.77
N VAL E 5 -39.49 -2.09 6.33
CA VAL E 5 -40.73 -2.51 6.96
C VAL E 5 -40.43 -2.96 8.38
N GLU E 6 -41.25 -2.49 9.32
CA GLU E 6 -41.11 -2.82 10.72
C GLU E 6 -42.28 -3.69 11.18
N SER E 7 -42.03 -4.50 12.21
CA SER E 7 -43.00 -5.46 12.71
C SER E 7 -43.07 -5.37 14.23
N GLY E 8 -44.21 -5.83 14.78
CA GLY E 8 -44.40 -5.82 16.21
C GLY E 8 -45.56 -4.95 16.65
N GLY E 9 -45.38 -4.21 17.74
CA GLY E 9 -46.41 -3.31 18.19
C GLY E 9 -47.64 -4.05 18.71
N GLY E 10 -48.79 -3.40 18.58
CA GLY E 10 -50.04 -3.97 19.03
C GLY E 10 -50.41 -3.48 20.42
N LEU E 11 -51.19 -4.28 21.14
CA LEU E 11 -51.64 -3.95 22.49
C LEU E 11 -50.84 -4.77 23.49
N VAL E 12 -50.29 -4.09 24.49
CA VAL E 12 -49.50 -4.71 25.54
C VAL E 12 -49.89 -4.08 26.88
N GLN E 13 -50.05 -4.91 27.90
CA GLN E 13 -50.36 -4.39 29.22
C GLN E 13 -49.11 -3.78 29.85
N PRO E 14 -49.27 -2.85 30.80
CA PRO E 14 -48.09 -2.25 31.43
C PRO E 14 -47.24 -3.30 32.14
N GLY E 15 -45.93 -3.09 32.11
CA GLY E 15 -44.99 -4.01 32.69
C GLY E 15 -44.51 -5.10 31.75
N GLY E 16 -45.19 -5.30 30.64
CA GLY E 16 -44.76 -6.30 29.69
C GLY E 16 -43.57 -5.83 28.86
N SER E 17 -42.96 -6.79 28.16
CA SER E 17 -41.82 -6.53 27.30
C SER E 17 -42.14 -7.06 25.90
N ARG E 18 -41.97 -6.21 24.89
CA ARG E 18 -42.19 -6.58 23.51
C ARG E 18 -40.96 -6.25 22.68
N LYS E 19 -40.83 -6.94 21.56
CA LYS E 19 -39.69 -6.79 20.66
C LYS E 19 -40.15 -6.21 19.34
N LEU E 20 -39.44 -5.19 18.86
CA LEU E 20 -39.69 -4.59 17.56
C LEU E 20 -38.56 -4.95 16.61
N SER E 21 -38.92 -5.33 15.39
CA SER E 21 -37.94 -5.71 14.37
C SER E 21 -38.25 -4.96 13.07
N CYS E 22 -37.21 -4.56 12.36
CA CYS E 22 -37.34 -3.96 11.04
C CYS E 22 -36.45 -4.74 10.07
N SER E 23 -37.05 -5.23 8.99
CA SER E 23 -36.32 -6.01 7.99
C SER E 23 -36.02 -5.12 6.80
N ALA E 24 -34.75 -4.80 6.60
CA ALA E 24 -34.33 -3.96 5.49
C ALA E 24 -34.17 -4.78 4.22
N SER E 25 -34.41 -4.14 3.08
CA SER E 25 -34.30 -4.80 1.79
C SER E 25 -34.10 -3.74 0.72
N GLY E 26 -33.25 -4.04 -0.26
CA GLY E 26 -33.04 -3.16 -1.39
C GLY E 26 -31.87 -2.22 -1.29
N PHE E 27 -31.02 -2.36 -0.28
CA PHE E 27 -29.83 -1.53 -0.17
C PHE E 27 -28.80 -2.25 0.69
N ALA E 28 -27.60 -1.67 0.74
CA ALA E 28 -26.49 -2.24 1.50
C ALA E 28 -26.70 -1.91 2.97
N PHE E 29 -27.51 -2.73 3.65
CA PHE E 29 -27.86 -2.47 5.03
C PHE E 29 -26.64 -2.46 5.94
N SER E 30 -25.66 -3.32 5.67
CA SER E 30 -24.52 -3.47 6.56
C SER E 30 -23.69 -2.19 6.70
N SER E 31 -23.80 -1.25 5.76
CA SER E 31 -23.01 -0.03 5.79
C SER E 31 -23.84 1.19 6.20
N PHE E 32 -25.05 0.98 6.72
CA PHE E 32 -25.94 2.04 7.11
C PHE E 32 -26.07 2.05 8.63
N GLY E 33 -26.03 3.24 9.22
CA GLY E 33 -26.39 3.37 10.62
C GLY E 33 -27.89 3.48 10.75
N MET E 34 -28.47 2.73 11.68
CA MET E 34 -29.91 2.66 11.85
C MET E 34 -30.33 3.39 13.13
N HIS E 35 -31.49 4.03 13.05
CA HIS E 35 -32.08 4.77 14.16
C HIS E 35 -33.46 4.18 14.46
N TRP E 36 -34.01 4.60 15.59
CA TRP E 36 -35.42 4.39 15.89
C TRP E 36 -36.00 5.72 16.31
N VAL E 37 -37.17 6.06 15.77
CA VAL E 37 -37.86 7.29 16.12
C VAL E 37 -39.32 6.95 16.37
N ARG E 38 -39.87 7.48 17.45
CA ARG E 38 -41.25 7.24 17.82
C ARG E 38 -42.04 8.55 17.76
N GLN E 39 -43.34 8.42 17.49
CA GLN E 39 -44.24 9.55 17.41
C GLN E 39 -45.44 9.27 18.29
N ALA E 40 -45.76 10.22 19.17
CA ALA E 40 -46.91 10.06 20.04
C ALA E 40 -48.19 10.14 19.22
N PRO E 41 -49.31 9.62 19.75
CA PRO E 41 -50.56 9.63 18.98
C PRO E 41 -50.92 10.99 18.43
N GLU E 42 -50.62 12.06 19.18
CA GLU E 42 -50.95 13.41 18.76
C GLU E 42 -49.81 14.41 18.86
N LYS E 43 -48.63 13.99 19.33
CA LYS E 43 -47.48 14.87 19.49
C LYS E 43 -46.45 14.58 18.40
N GLY E 44 -45.31 15.25 18.50
CA GLY E 44 -44.27 15.16 17.51
C GLY E 44 -43.41 13.91 17.65
N LEU E 45 -42.33 13.91 16.88
CA LEU E 45 -41.40 12.79 16.85
C LEU E 45 -40.50 12.80 18.09
N GLU E 46 -39.76 11.71 18.29
CA GLU E 46 -38.82 11.62 19.40
C GLU E 46 -37.86 10.47 19.14
N TRP E 47 -36.57 10.79 19.09
CA TRP E 47 -35.54 9.78 18.91
C TRP E 47 -35.42 8.90 20.14
N VAL E 48 -35.10 7.62 19.96
CA VAL E 48 -34.98 6.66 21.05
C VAL E 48 -33.62 5.97 21.07
N ALA E 49 -33.16 5.49 19.91
CA ALA E 49 -31.98 4.63 19.87
C ALA E 49 -31.21 4.84 18.56
N TYR E 50 -30.07 4.15 18.44
CA TYR E 50 -29.20 4.26 17.28
C TYR E 50 -28.12 3.19 17.36
N ILE E 51 -27.76 2.64 16.20
CA ILE E 51 -26.56 1.81 16.06
C ILE E 51 -25.75 2.34 14.89
N SER E 52 -24.43 2.28 15.02
CA SER E 52 -23.56 2.65 13.92
C SER E 52 -23.28 1.43 13.05
N SER E 53 -22.58 1.67 11.93
CA SER E 53 -22.20 0.59 11.03
C SER E 53 -21.23 -0.35 11.74
N GLY E 54 -21.59 -1.63 11.79
CA GLY E 54 -20.76 -2.61 12.47
C GLY E 54 -21.03 -2.77 13.95
N SER E 55 -22.09 -2.14 14.48
CA SER E 55 -22.46 -2.28 15.89
C SER E 55 -21.38 -1.77 16.82
N GLY E 56 -20.67 -0.72 16.42
CA GLY E 56 -19.56 -0.22 17.20
C GLY E 56 -19.92 0.95 18.11
N THR E 57 -21.12 1.49 17.97
CA THR E 57 -21.56 2.61 18.79
C THR E 57 -23.06 2.53 18.96
N ILE E 58 -23.52 2.46 20.21
CA ILE E 58 -24.93 2.37 20.55
C ILE E 58 -25.26 3.50 21.50
N TYR E 59 -26.28 4.28 21.18
CA TYR E 59 -26.76 5.36 22.01
C TYR E 59 -28.24 5.16 22.30
N TYR E 60 -28.72 5.81 23.35
CA TYR E 60 -30.12 5.69 23.76
C TYR E 60 -30.61 7.05 24.22
N ALA E 61 -31.93 7.18 24.26
CA ALA E 61 -32.56 8.39 24.78
C ALA E 61 -32.61 8.33 26.30
N ASP E 62 -32.63 9.52 26.92
CA ASP E 62 -32.63 9.58 28.38
C ASP E 62 -33.83 8.88 28.98
N THR E 63 -34.96 8.87 28.28
CA THR E 63 -36.19 8.30 28.83
C THR E 63 -36.29 6.80 28.64
N VAL E 64 -35.32 6.16 27.98
CA VAL E 64 -35.37 4.72 27.77
C VAL E 64 -34.02 4.09 28.12
N LYS E 65 -33.08 4.92 28.56
CA LYS E 65 -31.75 4.42 28.86
C LYS E 65 -31.82 3.31 29.90
N GLY E 66 -31.21 2.17 29.59
CA GLY E 66 -31.24 1.01 30.44
C GLY E 66 -32.52 0.21 30.35
N ARG E 67 -33.57 0.73 29.72
CA ARG E 67 -34.82 0.02 29.55
C ARG E 67 -34.94 -0.66 28.19
N PHE E 68 -34.52 -0.01 27.12
CA PHE E 68 -34.54 -0.59 25.79
C PHE E 68 -33.15 -1.13 25.44
N THR E 69 -33.13 -2.15 24.58
CA THR E 69 -31.91 -2.70 24.03
C THR E 69 -32.06 -2.80 22.51
N ILE E 70 -31.08 -2.29 21.78
CA ILE E 70 -31.13 -2.23 20.32
C ILE E 70 -30.00 -3.07 19.75
N SER E 71 -30.33 -3.91 18.77
CA SER E 71 -29.35 -4.79 18.15
C SER E 71 -29.69 -4.95 16.67
N ARG E 72 -28.67 -5.30 15.88
CA ARG E 72 -28.78 -5.46 14.45
C ARG E 72 -28.15 -6.79 14.04
N ASP E 73 -28.71 -7.40 13.00
CA ASP E 73 -28.21 -8.67 12.46
C ASP E 73 -27.94 -8.45 10.97
N ASP E 74 -26.70 -8.05 10.65
CA ASP E 74 -26.38 -7.69 9.27
C ASP E 74 -26.60 -8.82 8.28
N PRO E 75 -26.20 -10.06 8.56
CA PRO E 75 -26.37 -11.12 7.54
C PRO E 75 -27.80 -11.29 7.06
N LYS E 76 -28.80 -11.08 7.92
CA LYS E 76 -30.20 -11.16 7.50
C LYS E 76 -30.79 -9.79 7.17
N ASN E 77 -30.04 -8.72 7.36
CA ASN E 77 -30.52 -7.37 7.06
C ASN E 77 -31.75 -7.01 7.89
N THR E 78 -31.61 -7.13 9.21
CA THR E 78 -32.70 -6.84 10.13
C THR E 78 -32.21 -5.99 11.28
N LEU E 79 -33.11 -5.18 11.82
CA LEU E 79 -32.85 -4.33 12.96
C LEU E 79 -33.84 -4.65 14.06
N PHE E 80 -33.34 -4.80 15.29
CA PHE E 80 -34.16 -5.22 16.42
C PHE E 80 -34.17 -4.16 17.49
N LEU E 81 -35.25 -4.12 18.26
CA LEU E 81 -35.37 -3.29 19.45
C LEU E 81 -36.05 -4.11 20.53
N GLN E 82 -35.42 -4.20 21.70
CA GLN E 82 -35.97 -4.92 22.84
C GLN E 82 -36.46 -3.89 23.84
N MET E 83 -37.72 -4.01 24.25
CA MET E 83 -38.35 -3.09 25.17
C MET E 83 -38.75 -3.81 26.45
N THR E 84 -38.47 -3.19 27.59
CA THR E 84 -38.65 -3.80 28.90
C THR E 84 -39.47 -2.88 29.80
N SER E 85 -40.46 -3.46 30.48
CA SER E 85 -41.25 -2.75 31.49
C SER E 85 -41.84 -1.46 30.92
N LEU E 86 -42.68 -1.64 29.91
CA LEU E 86 -43.25 -0.51 29.20
C LEU E 86 -44.11 0.33 30.12
N ARG E 87 -43.91 1.64 30.07
CA ARG E 87 -44.69 2.59 30.86
C ARG E 87 -45.81 3.18 30.01
N SER E 88 -46.75 3.84 30.69
CA SER E 88 -47.88 4.45 30.00
C SER E 88 -47.45 5.55 29.04
N GLU E 89 -46.25 6.11 29.22
CA GLU E 89 -45.75 7.19 28.38
C GLU E 89 -45.04 6.67 27.14
N ASP E 90 -45.11 5.36 26.87
CA ASP E 90 -44.45 4.74 25.74
C ASP E 90 -45.41 4.44 24.59
N THR E 91 -46.59 5.08 24.59
CA THR E 91 -47.54 4.90 23.51
C THR E 91 -47.14 5.78 22.34
N ALA E 92 -46.75 5.17 21.23
CA ALA E 92 -46.28 5.92 20.08
C ALA E 92 -46.11 4.95 18.91
N MET E 93 -46.04 5.50 17.72
CA MET E 93 -45.75 4.74 16.51
C MET E 93 -44.25 4.78 16.27
N TYR E 94 -43.63 3.61 16.22
CA TYR E 94 -42.18 3.50 16.22
C TYR E 94 -41.69 3.36 14.78
N TYR E 95 -40.97 4.38 14.31
CA TYR E 95 -40.37 4.38 12.99
C TYR E 95 -38.95 3.83 13.04
N CYS E 96 -38.49 3.31 11.91
CA CYS E 96 -37.11 2.92 11.71
C CYS E 96 -36.51 3.76 10.60
N VAL E 97 -35.34 4.32 10.85
CA VAL E 97 -34.68 5.22 9.92
C VAL E 97 -33.26 4.71 9.67
N ARG E 98 -32.82 4.82 8.43
CA ARG E 98 -31.46 4.46 8.04
C ARG E 98 -30.65 5.73 7.82
N SER E 99 -29.35 5.63 8.02
CA SER E 99 -28.46 6.76 7.80
C SER E 99 -27.05 6.26 7.58
N ILE E 100 -26.31 6.96 6.73
CA ILE E 100 -24.92 6.63 6.44
C ILE E 100 -24.10 7.91 6.57
N TYR E 101 -22.95 7.80 7.23
CA TYR E 101 -22.11 8.95 7.52
C TYR E 101 -20.79 8.79 6.80
N TYR E 102 -20.63 9.56 5.73
CA TYR E 102 -19.34 9.79 5.09
C TYR E 102 -19.44 11.14 4.41
N TYR E 103 -18.29 11.71 4.07
CA TYR E 103 -18.29 13.07 3.57
C TYR E 103 -19.29 13.25 2.43
N GLY E 104 -20.30 14.08 2.65
CA GLY E 104 -21.27 14.41 1.61
C GLY E 104 -22.51 13.56 1.61
N SER E 105 -22.59 12.51 2.42
CA SER E 105 -23.78 11.67 2.45
C SER E 105 -24.96 12.44 3.02
N SER E 106 -26.15 11.85 2.88
CA SER E 106 -27.41 12.45 3.34
C SER E 106 -28.01 11.51 4.38
N PRO E 107 -27.78 11.76 5.66
CA PRO E 107 -28.39 10.92 6.71
C PRO E 107 -29.89 11.13 6.81
N PHE E 108 -30.55 10.11 7.36
CA PHE E 108 -31.99 10.16 7.62
C PHE E 108 -32.79 10.34 6.34
N ASP E 109 -32.33 9.70 5.26
CA ASP E 109 -32.93 9.92 3.95
C ASP E 109 -34.13 9.02 3.68
N PHE E 110 -34.16 7.81 4.23
CA PHE E 110 -35.28 6.90 4.03
C PHE E 110 -35.86 6.50 5.38
N TRP E 111 -37.18 6.57 5.49
CA TRP E 111 -37.90 6.18 6.69
C TRP E 111 -38.82 5.02 6.36
N GLY E 112 -38.99 4.10 7.31
CA GLY E 112 -39.92 3.01 7.15
C GLY E 112 -41.35 3.44 7.41
N GLN E 113 -42.24 2.45 7.34
CA GLN E 113 -43.65 2.70 7.61
C GLN E 113 -43.98 2.73 9.10
N GLY E 114 -43.19 2.06 9.93
CA GLY E 114 -43.38 2.10 11.36
C GLY E 114 -44.47 1.15 11.82
N THR E 115 -44.51 0.95 13.13
CA THR E 115 -45.52 0.11 13.78
C THR E 115 -46.13 0.88 14.94
N THR E 116 -47.38 0.56 15.22
CA THR E 116 -48.12 1.23 16.30
C THR E 116 -48.05 0.36 17.56
N LEU E 117 -47.68 0.99 18.67
CA LEU E 117 -47.64 0.33 19.98
C LEU E 117 -48.46 1.16 20.95
N THR E 118 -49.45 0.52 21.57
CA THR E 118 -50.33 1.17 22.53
C THR E 118 -50.31 0.37 23.81
N VAL E 119 -49.73 0.95 24.86
CA VAL E 119 -49.69 0.31 26.17
C VAL E 119 -51.00 0.58 26.90
N SER E 120 -51.61 -0.48 27.42
CA SER E 120 -52.87 -0.34 28.12
C SER E 120 -52.66 0.40 29.44
N SER E 121 -53.73 1.06 29.91
CA SER E 121 -53.68 1.80 31.16
C SER E 121 -55.07 2.22 31.59
N SER E 136 -29.36 20.20 29.65
CA SER E 136 -28.18 19.65 29.00
C SER E 136 -28.48 19.21 27.57
N ASP E 137 -29.76 19.14 27.23
CA ASP E 137 -30.21 18.69 25.93
C ASP E 137 -30.69 19.88 25.11
N ILE E 138 -30.19 19.99 23.87
CA ILE E 138 -30.67 21.03 22.98
C ILE E 138 -32.17 20.88 22.80
N VAL E 139 -32.87 22.00 22.82
CA VAL E 139 -34.31 22.04 22.65
C VAL E 139 -34.59 22.78 21.35
N MET E 140 -35.36 22.16 20.47
CA MET E 140 -35.79 22.78 19.22
C MET E 140 -37.23 23.24 19.37
N THR E 141 -37.47 24.52 19.11
CA THR E 141 -38.77 25.14 19.37
C THR E 141 -39.28 25.77 18.08
N GLN E 142 -40.50 25.41 17.69
CA GLN E 142 -41.21 26.09 16.61
C GLN E 142 -42.66 26.23 17.05
N ALA E 143 -43.03 27.43 17.48
CA ALA E 143 -44.32 27.69 18.11
C ALA E 143 -45.42 27.99 17.10
N THR E 144 -45.26 27.59 15.85
CA THR E 144 -46.24 27.82 14.81
C THR E 144 -46.90 26.49 14.46
N SER E 145 -48.24 26.50 14.39
CA SER E 145 -49.00 25.30 14.07
C SER E 145 -50.25 25.68 13.31
N SER E 146 -50.67 24.79 12.41
CA SER E 146 -51.90 24.98 11.62
C SER E 146 -51.88 26.30 10.88
N VAL E 147 -50.75 26.61 10.25
CA VAL E 147 -50.65 27.86 9.46
C VAL E 147 -51.47 27.71 8.18
N PRO E 148 -52.44 28.59 7.93
CA PRO E 148 -53.23 28.47 6.69
C PRO E 148 -52.42 28.81 5.45
N VAL E 149 -52.68 28.08 4.37
CA VAL E 149 -51.90 28.28 3.15
C VAL E 149 -52.67 27.76 1.93
N THR E 150 -52.16 28.06 0.73
CA THR E 150 -52.85 27.64 -0.48
C THR E 150 -51.88 27.15 -1.55
N PRO E 151 -52.28 26.12 -2.31
CA PRO E 151 -51.43 25.64 -3.41
C PRO E 151 -50.97 26.78 -4.29
N GLY E 152 -49.66 26.89 -4.49
CA GLY E 152 -49.13 27.93 -5.35
C GLY E 152 -48.46 29.05 -4.60
N GLU E 153 -49.07 29.49 -3.50
CA GLU E 153 -48.50 30.60 -2.75
C GLU E 153 -47.16 30.22 -2.14
N SER E 154 -46.44 31.22 -1.63
CA SER E 154 -45.14 31.04 -1.00
C SER E 154 -45.32 31.04 0.52
N VAL E 155 -44.85 29.98 1.17
CA VAL E 155 -44.99 29.81 2.61
C VAL E 155 -43.63 29.53 3.21
N SER E 156 -43.37 30.07 4.39
CA SER E 156 -42.12 29.88 5.10
C SER E 156 -42.39 29.32 6.49
N ILE E 157 -41.64 28.29 6.87
CA ILE E 157 -41.74 27.65 8.18
C ILE E 157 -40.49 27.99 8.97
N SER E 158 -40.68 28.43 10.21
CA SER E 158 -39.59 28.90 11.05
C SER E 158 -39.33 27.92 12.19
N CYS E 159 -38.06 27.79 12.54
CA CYS E 159 -37.63 26.95 13.64
C CYS E 159 -36.55 27.67 14.44
N ARG E 160 -36.47 27.35 15.72
CA ARG E 160 -35.51 27.96 16.63
C ARG E 160 -34.77 26.89 17.41
N SER E 161 -33.51 27.17 17.71
CA SER E 161 -32.66 26.29 18.50
C SER E 161 -32.14 27.03 19.73
N SER E 162 -31.80 26.26 20.76
CA SER E 162 -31.23 26.79 21.99
C SER E 162 -29.71 26.76 21.99
N LYS E 163 -29.10 26.38 20.88
CA LYS E 163 -27.65 26.20 20.81
C LYS E 163 -27.20 26.42 19.39
N SER E 164 -25.96 26.87 19.23
CA SER E 164 -25.39 27.05 17.90
C SER E 164 -25.15 25.69 17.27
N LEU E 165 -25.91 25.36 16.24
CA LEU E 165 -25.71 24.09 15.54
C LEU E 165 -24.57 24.14 14.54
N LEU E 166 -24.06 25.32 14.21
CA LEU E 166 -22.94 25.43 13.29
C LEU E 166 -21.68 24.92 13.96
N HIS E 167 -21.20 23.76 13.52
CA HIS E 167 -19.99 23.16 14.06
C HIS E 167 -18.76 23.90 13.53
N SER E 168 -17.60 23.59 14.13
CA SER E 168 -16.35 24.19 13.68
C SER E 168 -16.04 23.79 12.24
N ASN E 169 -16.36 22.55 11.85
CA ASN E 169 -16.03 22.11 10.49
C ASN E 169 -16.92 22.76 9.44
N GLY E 170 -17.93 23.52 9.83
CA GLY E 170 -18.71 24.32 8.89
C GLY E 170 -20.05 23.73 8.52
N ASN E 171 -20.50 22.69 9.20
CA ASN E 171 -21.75 22.03 8.89
C ASN E 171 -22.80 22.41 9.92
N THR E 172 -23.99 22.80 9.45
CA THR E 172 -25.11 23.13 10.32
C THR E 172 -26.06 21.93 10.36
N TYR E 173 -25.92 21.12 11.40
CA TYR E 173 -26.64 19.86 11.50
C TYR E 173 -28.10 20.05 11.87
N LEU E 174 -28.85 20.77 11.06
CA LEU E 174 -30.30 20.88 11.20
C LEU E 174 -30.96 20.24 10.00
N TYR E 175 -31.84 19.28 10.27
CA TYR E 175 -32.55 18.54 9.23
C TYR E 175 -33.98 19.03 9.13
N TRP E 176 -34.67 18.57 8.08
CA TRP E 176 -36.07 18.85 7.89
C TRP E 176 -36.78 17.59 7.42
N PHE E 177 -38.05 17.46 7.80
CA PHE E 177 -38.84 16.31 7.42
C PHE E 177 -40.26 16.77 7.13
N LEU E 178 -40.95 15.99 6.30
CA LEU E 178 -42.34 16.25 5.96
C LEU E 178 -43.13 14.95 6.15
N GLN E 179 -44.18 15.01 6.95
CA GLN E 179 -45.04 13.86 7.18
C GLN E 179 -46.43 14.19 6.63
N ARG E 180 -46.71 13.68 5.43
CA ARG E 180 -48.01 13.88 4.84
C ARG E 180 -49.05 13.04 5.58
N PRO E 181 -50.32 13.45 5.54
CA PRO E 181 -51.36 12.70 6.28
C PRO E 181 -51.37 11.23 5.87
N GLY E 182 -51.16 10.36 6.84
CA GLY E 182 -51.16 8.92 6.60
C GLY E 182 -49.91 8.37 5.97
N GLN E 183 -48.79 9.08 6.04
CA GLN E 183 -47.54 8.64 5.45
C GLN E 183 -46.40 8.84 6.45
N SER E 184 -45.30 8.14 6.20
CA SER E 184 -44.13 8.25 7.06
C SER E 184 -43.42 9.58 6.82
N PRO E 185 -42.60 10.03 7.77
CA PRO E 185 -41.80 11.23 7.52
C PRO E 185 -40.87 11.03 6.33
N GLN E 186 -40.70 12.09 5.55
CA GLN E 186 -39.84 12.06 4.38
C GLN E 186 -38.83 13.18 4.49
N LEU E 187 -37.57 12.86 4.27
CA LEU E 187 -36.52 13.86 4.33
C LEU E 187 -36.66 14.85 3.19
N LEU E 188 -36.39 16.12 3.48
CA LEU E 188 -36.31 17.16 2.47
C LEU E 188 -34.93 17.82 2.45
N ILE E 189 -34.38 18.15 3.61
CA ILE E 189 -33.14 18.89 3.73
C ILE E 189 -32.28 18.23 4.79
N TYR E 190 -31.23 17.52 4.36
CA TYR E 190 -30.39 16.79 5.31
C TYR E 190 -29.41 17.68 6.05
N ARG E 191 -29.17 18.90 5.57
CA ARG E 191 -28.45 19.90 6.34
C ARG E 191 -28.84 21.25 5.78
N MET E 192 -28.83 22.27 6.62
CA MET E 192 -29.29 23.59 6.21
C MET E 192 -28.70 23.94 4.85
N SER E 193 -29.56 24.31 3.91
CA SER E 193 -29.14 24.71 2.57
C SER E 193 -28.75 23.53 1.70
N ASN E 194 -29.28 22.34 2.00
CA ASN E 194 -29.06 21.16 1.18
C ASN E 194 -30.40 20.50 0.88
N LEU E 195 -30.50 19.89 -0.30
CA LEU E 195 -31.75 19.31 -0.77
C LEU E 195 -31.57 17.81 -0.97
N ALA E 196 -32.52 17.03 -0.48
CA ALA E 196 -32.43 15.58 -0.57
C ALA E 196 -32.67 15.13 -2.01
N SER E 197 -32.57 13.83 -2.23
CA SER E 197 -32.71 13.24 -3.56
C SER E 197 -34.16 12.84 -3.78
N GLY E 198 -34.69 13.23 -4.94
CA GLY E 198 -36.06 12.89 -5.30
C GLY E 198 -37.12 13.85 -4.80
N VAL E 199 -36.72 14.96 -4.18
CA VAL E 199 -37.67 15.95 -3.69
C VAL E 199 -37.66 17.13 -4.66
N PRO E 200 -38.83 17.69 -5.02
CA PRO E 200 -38.84 18.84 -5.93
C PRO E 200 -37.90 19.95 -5.50
N ASP E 201 -37.54 20.81 -6.44
CA ASP E 201 -36.63 21.93 -6.14
C ASP E 201 -37.32 23.07 -5.41
N ARG E 202 -38.64 23.02 -5.26
CA ARG E 202 -39.36 24.11 -4.59
C ARG E 202 -38.89 24.26 -3.15
N PHE E 203 -38.73 23.15 -2.44
CA PHE E 203 -38.31 23.21 -1.05
C PHE E 203 -36.90 23.78 -0.93
N SER E 204 -36.72 24.69 0.01
CA SER E 204 -35.40 25.28 0.26
C SER E 204 -35.39 25.87 1.67
N GLY E 205 -34.27 25.68 2.36
CA GLY E 205 -34.13 26.14 3.72
C GLY E 205 -32.80 26.79 3.99
N SER E 206 -32.82 27.96 4.64
CA SER E 206 -31.62 28.70 4.98
C SER E 206 -31.70 29.11 6.44
N GLY E 207 -30.55 29.17 7.12
CA GLY E 207 -30.52 29.57 8.50
C GLY E 207 -29.11 29.93 8.92
N SER E 208 -29.00 30.45 10.14
CA SER E 208 -27.70 30.81 10.71
C SER E 208 -27.80 30.73 12.22
N GLY E 209 -26.80 30.12 12.85
CA GLY E 209 -26.78 30.01 14.29
C GLY E 209 -27.95 29.21 14.84
N THR E 210 -28.89 29.91 15.47
CA THR E 210 -30.03 29.26 16.12
C THR E 210 -31.36 29.55 15.44
N ALA E 211 -31.39 30.45 14.46
CA ALA E 211 -32.62 30.81 13.76
C ALA E 211 -32.62 30.17 12.38
N PHE E 212 -33.68 29.41 12.10
CA PHE E 212 -33.78 28.59 10.90
C PHE E 212 -35.12 28.80 10.22
N THR E 213 -35.14 28.64 8.90
CA THR E 213 -36.34 28.81 8.11
C THR E 213 -36.39 27.78 6.99
N LEU E 214 -37.61 27.39 6.62
CA LEU E 214 -37.86 26.52 5.48
C LEU E 214 -38.85 27.21 4.57
N THR E 215 -38.48 27.39 3.31
CA THR E 215 -39.26 28.17 2.35
C THR E 215 -39.74 27.28 1.21
N ILE E 216 -40.98 27.49 0.80
CA ILE E 216 -41.57 26.81 -0.35
C ILE E 216 -42.07 27.88 -1.32
N SER E 217 -41.61 27.83 -2.57
CA SER E 217 -42.01 28.84 -3.55
C SER E 217 -43.47 28.67 -3.94
N ARG E 218 -43.80 27.53 -4.54
CA ARG E 218 -45.18 27.18 -4.86
C ARG E 218 -45.42 25.76 -4.37
N LEU E 219 -46.57 25.53 -3.76
CA LEU E 219 -46.92 24.23 -3.23
C LEU E 219 -48.14 23.67 -3.96
N GLU E 220 -48.54 22.46 -3.57
CA GLU E 220 -49.67 21.80 -4.18
C GLU E 220 -50.40 21.01 -3.10
N ALA E 221 -51.46 20.30 -3.51
CA ALA E 221 -52.18 19.45 -2.59
C ALA E 221 -51.35 18.25 -2.13
N GLU E 222 -50.26 17.94 -2.84
CA GLU E 222 -49.43 16.79 -2.48
C GLU E 222 -48.54 17.07 -1.27
N ASP E 223 -48.06 18.30 -1.10
CA ASP E 223 -47.08 18.62 -0.07
C ASP E 223 -47.71 19.26 1.16
N VAL E 224 -48.99 19.00 1.43
CA VAL E 224 -49.62 19.47 2.65
C VAL E 224 -49.39 18.44 3.76
N GLY E 225 -49.16 18.93 4.98
CA GLY E 225 -48.92 18.05 6.10
C GLY E 225 -48.21 18.78 7.22
N VAL E 226 -47.61 18.00 8.12
CA VAL E 226 -46.91 18.53 9.29
C VAL E 226 -45.41 18.47 9.03
N TYR E 227 -44.73 19.57 9.32
CA TYR E 227 -43.30 19.70 9.11
C TYR E 227 -42.57 19.61 10.44
N TYR E 228 -41.45 18.89 10.44
CA TYR E 228 -40.68 18.66 11.64
C TYR E 228 -39.25 19.17 11.45
N CYS E 229 -38.59 19.45 12.57
CA CYS E 229 -37.22 19.92 12.58
C CYS E 229 -36.42 19.03 13.52
N MET E 230 -35.23 18.63 13.10
CA MET E 230 -34.35 17.81 13.91
C MET E 230 -32.94 18.33 13.81
N GLN E 231 -32.22 18.30 14.93
CA GLN E 231 -30.81 18.62 14.98
C GLN E 231 -30.00 17.34 15.19
N HIS E 232 -28.74 17.37 14.77
CA HIS E 232 -27.86 16.22 14.87
C HIS E 232 -26.50 16.61 15.43
N LEU E 233 -26.38 17.80 16.04
CA LEU E 233 -25.09 18.24 16.55
C LEU E 233 -24.56 17.29 17.61
N GLU E 234 -25.43 16.86 18.51
CA GLU E 234 -25.05 15.91 19.54
C GLU E 234 -26.31 15.19 19.99
N TYR E 235 -26.12 14.01 20.55
CA TYR E 235 -27.25 13.20 20.94
C TYR E 235 -27.90 13.78 22.20
N PRO E 236 -29.17 13.43 22.45
CA PRO E 236 -30.01 12.42 21.80
C PRO E 236 -30.89 12.90 20.65
N LEU E 237 -30.41 13.77 19.75
CA LEU E 237 -31.16 14.16 18.55
C LEU E 237 -32.57 14.61 18.90
N THR E 238 -32.65 15.71 19.64
CA THR E 238 -33.95 16.23 20.03
C THR E 238 -34.71 16.76 18.83
N PHE E 239 -36.00 16.43 18.78
CA PHE E 239 -36.90 16.88 17.73
C PHE E 239 -37.56 18.20 18.14
N GLY E 240 -38.46 18.67 17.29
CA GLY E 240 -39.30 19.80 17.59
C GLY E 240 -40.78 19.44 17.45
N ALA E 241 -41.62 20.37 17.89
CA ALA E 241 -43.05 20.19 17.76
C ALA E 241 -43.48 20.34 16.30
N GLY E 242 -44.65 19.79 15.99
CA GLY E 242 -45.12 19.81 14.62
C GLY E 242 -45.52 21.20 14.17
N THR E 243 -45.51 21.38 12.84
CA THR E 243 -45.94 22.63 12.20
C THR E 243 -46.80 22.23 11.00
N LYS E 244 -48.11 22.18 11.22
CA LYS E 244 -49.04 21.70 10.21
C LYS E 244 -49.43 22.84 9.27
N LEU E 245 -49.40 22.56 7.96
CA LEU E 245 -49.87 23.49 6.95
C LEU E 245 -51.36 23.24 6.73
N GLU E 246 -52.18 24.26 6.95
CA GLU E 246 -53.63 24.12 6.92
C GLU E 246 -54.12 24.19 5.49
N LEU E 247 -55.05 23.30 5.15
CA LEU E 247 -55.70 23.32 3.84
C LEU E 247 -56.89 22.37 3.80
#